data_4IAN
#
_entry.id   4IAN
#
_cell.length_a   73.266
_cell.length_b   75.286
_cell.length_c   148.003
_cell.angle_alpha   90.000
_cell.angle_beta   97.210
_cell.angle_gamma   90.000
#
_symmetry.space_group_name_H-M   'C 1 2 1'
#
loop_
_entity.id
_entity.type
_entity.pdbx_description
1 polymer 'Serine/threonine-protein kinase PRP4 homolog'
2 non-polymer 'SULFATE ION'
3 water water
#
_entity_poly.entity_id   1
_entity_poly.type   'polypeptide(L)'
_entity_poly.pdbx_seq_one_letter_code
;MDFKENPNLRDNWTDAEGYYRVNIGEVLDKRYNVYGYTGQGVFSNVVRARDNARANQEVAVKIIRNNELMQKTGLKELEF
LKKLNDADPDDKFHCLRLFRHFYHKQHLCLVFEPLSMNLREVLKKYGKDVGLHIKAVRSYSQQLFLALKLLKRCNILHAD
IKPDNILVNESKTILKLCDFGSASHVADNDITP(PTR)LVSRFYRAPEIIIGKSYDYGIDMWSVGCTLYELYTGKILFPG
KTNNHMLKLAMDLKGKMPNKMIRKGVFKDQHFDQNLNFMYIEVDKVTEREKVTVMSTINPTKDLLADLIGCQRLPEDQRK
KVHQLKDLLDQILMLDPAKRISINQALQHAFIQEKIHHHHHH
;
_entity_poly.pdbx_strand_id   A,B
#
loop_
_chem_comp.id
_chem_comp.type
_chem_comp.name
_chem_comp.formula
SO4 non-polymer 'SULFATE ION' 'O4 S -2'
#
# COMPACT_ATOMS: atom_id res chain seq x y z
N ARG A 21 4.08 42.25 -17.95
CA ARG A 21 4.18 43.72 -17.74
C ARG A 21 5.63 44.22 -17.68
N VAL A 22 6.59 43.33 -17.95
CA VAL A 22 8.00 43.66 -17.78
C VAL A 22 8.72 43.85 -19.10
N ASN A 23 9.89 44.48 -19.05
CA ASN A 23 10.73 44.65 -20.23
C ASN A 23 12.04 43.89 -20.05
N ILE A 24 12.40 43.08 -21.05
CA ILE A 24 13.74 42.51 -21.08
C ILE A 24 14.73 43.68 -20.92
N GLY A 25 15.72 43.50 -20.07
CA GLY A 25 16.58 44.60 -19.69
C GLY A 25 16.30 45.01 -18.25
N GLU A 26 15.06 45.44 -18.00
CA GLU A 26 14.63 45.81 -16.67
C GLU A 26 15.32 44.95 -15.60
N VAL A 27 16.01 45.61 -14.68
CA VAL A 27 16.59 44.92 -13.53
C VAL A 27 15.64 45.06 -12.35
N LEU A 28 15.42 43.94 -11.66
CA LEU A 28 14.46 43.92 -10.56
C LEU A 28 15.18 43.76 -9.23
N ASP A 29 14.73 44.52 -8.24
CA ASP A 29 15.24 44.41 -6.87
C ASP A 29 16.74 44.73 -6.79
N LYS A 30 17.23 45.50 -7.77
CA LYS A 30 18.62 45.94 -7.78
C LYS A 30 19.59 44.80 -8.08
N ARG A 31 19.08 43.60 -8.36
CA ARG A 31 19.95 42.47 -8.65
C ARG A 31 19.57 41.56 -9.80
N TYR A 32 18.29 41.50 -10.17
CA TYR A 32 17.86 40.53 -11.18
C TYR A 32 17.67 41.17 -12.54
N ASN A 33 18.56 40.80 -13.47
CA ASN A 33 18.45 41.25 -14.85
C ASN A 33 17.51 40.32 -15.62
N VAL A 34 16.33 40.81 -15.95
CA VAL A 34 15.35 40.02 -16.71
C VAL A 34 15.74 39.98 -18.17
N TYR A 35 15.97 38.78 -18.70
CA TYR A 35 16.46 38.65 -20.06
C TYR A 35 15.56 37.86 -21.02
N GLY A 36 14.65 37.05 -20.48
CA GLY A 36 13.68 36.37 -21.32
C GLY A 36 12.40 36.01 -20.58
N TYR A 37 11.41 35.52 -21.33
CA TYR A 37 10.19 34.99 -20.73
C TYR A 37 10.13 33.46 -20.81
N THR A 38 9.61 32.85 -19.76
CA THR A 38 9.01 31.53 -19.89
C THR A 38 7.52 31.76 -20.17
N GLY A 39 6.99 32.86 -19.66
CA GLY A 39 5.67 33.31 -20.08
C GLY A 39 4.66 33.64 -19.01
N GLN A 40 3.40 33.79 -19.43
CA GLN A 40 2.28 34.04 -18.52
C GLN A 40 1.65 32.71 -18.11
N GLY A 41 2.39 31.94 -17.32
CA GLY A 41 1.92 30.62 -16.90
C GLY A 41 0.41 30.53 -16.76
N VAL A 42 -0.17 31.53 -16.10
CA VAL A 42 -1.63 31.67 -15.97
C VAL A 42 -1.99 32.93 -15.19
N PHE A 43 -1.63 32.94 -13.92
CA PHE A 43 -2.08 33.94 -12.96
C PHE A 43 -1.01 34.98 -12.68
N SER A 44 0.04 34.96 -13.50
CA SER A 44 1.23 35.74 -13.22
C SER A 44 2.28 35.36 -14.25
N ASN A 45 2.95 36.37 -14.80
CA ASN A 45 4.03 36.13 -15.74
C ASN A 45 5.28 35.64 -15.01
N VAL A 46 6.06 34.79 -15.69
CA VAL A 46 7.31 34.28 -15.15
C VAL A 46 8.45 34.54 -16.13
N VAL A 47 9.51 35.18 -15.66
CA VAL A 47 10.62 35.52 -16.56
C VAL A 47 11.94 34.94 -16.07
N ARG A 48 12.88 34.83 -16.99
CA ARG A 48 14.22 34.37 -16.65
C ARG A 48 15.09 35.60 -16.39
N ALA A 49 15.94 35.51 -15.38
CA ALA A 49 16.87 36.59 -15.04
C ALA A 49 18.23 36.03 -14.58
N ARG A 50 19.25 36.87 -14.61
CA ARG A 50 20.50 36.53 -13.96
C ARG A 50 20.66 37.37 -12.70
N ASP A 51 21.25 36.78 -11.67
CA ASP A 51 21.42 37.48 -10.40
C ASP A 51 22.80 38.11 -10.29
N ASN A 52 22.88 39.42 -10.56
CA ASN A 52 24.12 40.18 -10.43
C ASN A 52 24.83 39.92 -9.10
N ALA A 53 24.07 39.77 -8.03
CA ALA A 53 24.67 39.62 -6.73
C ALA A 53 25.23 38.21 -6.54
N ARG A 54 24.98 37.32 -7.49
CA ARG A 54 25.50 35.97 -7.36
C ARG A 54 26.21 35.45 -8.60
N ALA A 55 27.02 36.29 -9.22
CA ALA A 55 27.80 35.91 -10.38
C ALA A 55 26.87 35.55 -11.54
N ASN A 56 25.71 36.19 -11.55
CA ASN A 56 24.76 36.03 -12.64
C ASN A 56 24.13 34.65 -12.73
N GLN A 57 24.13 33.90 -11.64
CA GLN A 57 23.39 32.65 -11.60
C GLN A 57 21.97 32.84 -12.15
N GLU A 58 21.45 31.80 -12.78
CA GLU A 58 20.13 31.81 -13.41
C GLU A 58 19.04 31.68 -12.36
N VAL A 59 17.98 32.49 -12.48
CA VAL A 59 16.80 32.32 -11.67
C VAL A 59 15.56 32.45 -12.51
N ALA A 60 14.44 31.99 -11.96
CA ALA A 60 13.13 32.36 -12.46
C ALA A 60 12.51 33.35 -11.48
N VAL A 61 11.97 34.45 -11.99
CA VAL A 61 11.16 35.32 -11.17
C VAL A 61 9.69 35.25 -11.56
N LYS A 62 8.85 34.91 -10.60
CA LYS A 62 7.43 34.88 -10.84
C LYS A 62 6.79 36.16 -10.30
N ILE A 63 6.11 36.89 -11.17
CA ILE A 63 5.52 38.14 -10.78
C ILE A 63 4.01 38.00 -10.70
N ILE A 64 3.50 37.96 -9.48
CA ILE A 64 2.08 37.79 -9.23
C ILE A 64 1.29 39.00 -9.72
N ARG A 65 0.02 38.78 -10.09
CA ARG A 65 -0.78 39.82 -10.75
C ARG A 65 -1.37 40.84 -9.78
N ASN A 66 -1.48 42.07 -10.25
CA ASN A 66 -1.86 43.23 -9.43
C ASN A 66 -2.97 42.87 -8.45
N ASN A 67 -4.05 42.29 -8.98
CA ASN A 67 -5.29 42.04 -8.24
C ASN A 67 -5.08 41.73 -6.76
N GLU A 68 -5.96 42.27 -5.92
CA GLU A 68 -5.90 42.08 -4.47
C GLU A 68 -6.28 40.67 -4.05
N LEU A 69 -7.03 39.98 -4.91
CA LEU A 69 -7.42 38.59 -4.63
C LEU A 69 -6.32 37.61 -5.06
N MET A 70 -5.64 37.96 -6.15
CA MET A 70 -4.58 37.10 -6.70
C MET A 70 -3.34 37.14 -5.82
N GLN A 71 -2.93 38.35 -5.43
CA GLN A 71 -1.78 38.50 -4.55
C GLN A 71 -2.10 37.92 -3.17
N LYS A 72 -3.38 37.69 -2.91
CA LYS A 72 -3.81 37.04 -1.67
C LYS A 72 -3.42 35.56 -1.65
N THR A 73 -3.45 34.93 -2.82
CA THR A 73 -3.02 33.53 -2.94
C THR A 73 -1.52 33.45 -3.25
N GLY A 74 -0.94 34.57 -3.66
CA GLY A 74 0.51 34.68 -3.76
C GLY A 74 1.17 34.63 -2.40
N LEU A 75 0.58 35.32 -1.43
CA LEU A 75 0.99 35.19 -0.03
C LEU A 75 0.81 33.74 0.37
N LYS A 76 -0.32 33.17 -0.01
CA LYS A 76 -0.60 31.77 0.28
C LYS A 76 0.47 30.92 -0.39
N GLU A 77 0.72 31.20 -1.65
CA GLU A 77 1.75 30.50 -2.40
C GLU A 77 3.08 30.55 -1.63
N LEU A 78 3.54 31.75 -1.31
CA LEU A 78 4.82 31.94 -0.64
C LEU A 78 4.84 31.05 0.60
N GLU A 79 3.69 31.05 1.27
CA GLU A 79 3.53 30.39 2.55
C GLU A 79 3.76 28.88 2.44
N PHE A 80 3.13 28.26 1.46
CA PHE A 80 3.19 26.81 1.29
C PHE A 80 4.57 26.34 0.82
N LEU A 81 5.19 27.17 -0.01
CA LEU A 81 6.52 26.86 -0.51
C LEU A 81 7.54 26.95 0.63
N LYS A 82 7.44 27.98 1.44
CA LYS A 82 8.32 28.12 2.61
C LYS A 82 8.18 26.90 3.50
N LYS A 83 6.94 26.56 3.84
CA LYS A 83 6.66 25.37 4.63
C LYS A 83 7.25 24.13 3.99
N LEU A 84 6.96 23.93 2.70
CA LEU A 84 7.40 22.71 2.01
C LEU A 84 8.94 22.65 1.88
N ASN A 85 9.54 23.74 1.45
CA ASN A 85 11.00 23.82 1.43
C ASN A 85 11.55 23.67 2.84
N ASP A 86 10.90 24.31 3.82
CA ASP A 86 11.35 24.20 5.21
C ASP A 86 11.39 22.76 5.69
N ALA A 87 10.39 21.99 5.31
CA ALA A 87 10.28 20.62 5.78
C ALA A 87 11.10 19.66 4.93
N ASP A 88 11.76 20.17 3.90
CA ASP A 88 12.55 19.32 3.01
C ASP A 88 13.94 19.91 2.75
N PRO A 89 14.79 19.94 3.77
CA PRO A 89 16.09 20.63 3.73
C PRO A 89 16.99 20.10 2.63
N ASP A 90 17.03 18.78 2.48
CA ASP A 90 17.93 18.14 1.53
C ASP A 90 17.34 18.10 0.11
N ASP A 91 16.13 18.63 -0.04
CA ASP A 91 15.45 18.61 -1.32
C ASP A 91 15.36 17.19 -1.88
N LYS A 92 14.86 16.26 -1.08
CA LYS A 92 14.69 14.89 -1.54
C LYS A 92 13.31 14.67 -2.13
N PHE A 93 12.42 15.66 -2.00
CA PHE A 93 11.02 15.41 -2.27
C PHE A 93 10.39 16.15 -3.43
N HIS A 94 11.23 16.82 -4.23
CA HIS A 94 10.84 17.22 -5.58
C HIS A 94 9.78 18.31 -5.67
N CYS A 95 9.83 19.25 -4.75
CA CYS A 95 9.07 20.47 -4.91
C CYS A 95 9.97 21.64 -5.33
N LEU A 96 9.39 22.53 -6.13
CA LEU A 96 10.09 23.73 -6.58
C LEU A 96 10.76 24.35 -5.36
N ARG A 97 12.02 24.74 -5.51
CA ARG A 97 12.74 25.43 -4.44
C ARG A 97 12.64 26.93 -4.61
N LEU A 98 12.04 27.58 -3.61
CA LEU A 98 11.97 29.03 -3.55
C LEU A 98 13.28 29.58 -3.00
N PHE A 99 13.84 30.60 -3.62
CA PHE A 99 15.04 31.23 -3.06
C PHE A 99 14.65 32.34 -2.09
N ARG A 100 13.86 33.28 -2.58
CA ARG A 100 13.43 34.42 -1.77
C ARG A 100 12.35 35.19 -2.52
N HIS A 101 11.89 36.28 -1.90
CA HIS A 101 10.85 37.12 -2.47
C HIS A 101 11.15 38.59 -2.19
N PHE A 102 10.75 39.46 -3.10
CA PHE A 102 10.79 40.89 -2.84
C PHE A 102 9.49 41.51 -3.40
N TYR A 103 9.40 42.83 -3.40
CA TYR A 103 8.27 43.51 -4.03
C TYR A 103 8.71 44.41 -5.15
N HIS A 104 7.86 44.57 -6.15
CA HIS A 104 8.18 45.45 -7.25
C HIS A 104 6.94 46.08 -7.88
N LYS A 105 6.94 47.41 -7.94
CA LYS A 105 5.79 48.15 -8.43
C LYS A 105 4.49 47.47 -7.98
N GLN A 106 4.45 47.12 -6.70
CA GLN A 106 3.28 46.58 -6.04
C GLN A 106 2.96 45.12 -6.35
N HIS A 107 3.79 44.45 -7.13
CA HIS A 107 3.65 43.01 -7.33
C HIS A 107 4.55 42.23 -6.38
N LEU A 108 4.01 41.19 -5.76
CA LEU A 108 4.84 40.20 -5.09
C LEU A 108 5.63 39.44 -6.16
N CYS A 109 6.92 39.26 -5.90
CA CYS A 109 7.80 38.55 -6.81
C CYS A 109 8.45 37.39 -6.09
N LEU A 110 8.27 36.18 -6.64
CA LEU A 110 8.90 34.99 -6.10
C LEU A 110 10.10 34.60 -6.97
N VAL A 111 11.20 34.25 -6.32
CA VAL A 111 12.42 33.88 -7.01
C VAL A 111 12.71 32.39 -6.83
N PHE A 112 12.64 31.64 -7.92
CA PHE A 112 12.83 30.20 -7.87
C PHE A 112 14.15 29.78 -8.50
N GLU A 113 14.63 28.61 -8.11
CA GLU A 113 15.65 27.89 -8.87
C GLU A 113 15.15 27.86 -10.32
N PRO A 114 16.07 27.98 -11.28
CA PRO A 114 15.77 28.06 -12.71
C PRO A 114 15.36 26.69 -13.23
N LEU A 115 14.33 26.64 -14.06
CA LEU A 115 13.87 25.35 -14.57
C LEU A 115 13.38 25.37 -16.01
N SER A 116 13.84 24.37 -16.77
CA SER A 116 13.75 24.39 -18.23
C SER A 116 12.32 24.55 -18.76
N MET A 117 11.53 23.50 -18.63
CA MET A 117 10.18 23.49 -19.20
C MET A 117 9.27 22.54 -18.44
N ASN A 118 7.97 22.64 -18.68
CA ASN A 118 7.05 21.74 -18.00
C ASN A 118 6.88 20.47 -18.84
N LEU A 119 6.21 19.48 -18.29
CA LEU A 119 5.97 18.23 -18.98
C LEU A 119 4.95 18.37 -20.09
N ARG A 120 4.14 19.42 -20.03
CA ARG A 120 3.25 19.76 -21.13
C ARG A 120 4.07 19.99 -22.41
N GLU A 121 5.13 20.78 -22.28
CA GLU A 121 5.95 21.13 -23.43
C GLU A 121 6.88 20.00 -23.87
N VAL A 122 7.35 19.18 -22.93
CA VAL A 122 8.20 18.07 -23.36
C VAL A 122 7.35 17.03 -24.05
N LEU A 123 6.10 16.91 -23.64
CA LEU A 123 5.20 15.96 -24.27
C LEU A 123 4.95 16.37 -25.71
N LYS A 124 4.89 17.67 -25.97
CA LYS A 124 4.63 18.14 -27.32
C LYS A 124 5.83 17.96 -28.24
N LYS A 125 7.03 18.03 -27.69
CA LYS A 125 8.24 17.84 -28.49
C LYS A 125 8.47 16.38 -28.82
N TYR A 126 7.62 15.52 -28.29
CA TYR A 126 7.72 14.10 -28.59
C TYR A 126 6.79 13.69 -29.73
N GLY A 127 5.77 14.50 -30.01
CA GLY A 127 4.86 14.22 -31.12
C GLY A 127 3.53 13.57 -30.73
N LYS A 128 2.60 13.58 -31.69
CA LYS A 128 1.22 13.14 -31.45
C LYS A 128 1.10 11.73 -30.87
N ASP A 129 0.68 11.63 -29.61
CA ASP A 129 0.36 10.33 -29.03
C ASP A 129 1.57 9.42 -28.97
N VAL A 130 2.76 10.00 -28.87
CA VAL A 130 3.96 9.19 -28.80
C VAL A 130 4.31 8.90 -27.35
N GLY A 131 4.16 9.90 -26.49
CA GLY A 131 4.48 9.73 -25.08
C GLY A 131 5.98 9.57 -24.88
N LEU A 132 6.39 9.47 -23.62
CA LEU A 132 7.79 9.28 -23.27
C LEU A 132 8.13 7.79 -23.23
N HIS A 133 9.42 7.50 -23.06
CA HIS A 133 9.83 6.13 -22.82
C HIS A 133 9.30 5.73 -21.46
N ILE A 134 9.02 4.44 -21.30
CA ILE A 134 8.55 3.88 -20.05
C ILE A 134 9.61 4.03 -18.93
N LYS A 135 10.88 4.11 -19.31
CA LYS A 135 11.95 4.37 -18.35
C LYS A 135 11.74 5.73 -17.70
N ALA A 136 11.53 6.73 -18.54
CA ALA A 136 11.37 8.09 -18.08
C ALA A 136 10.11 8.18 -17.23
N VAL A 137 9.03 7.53 -17.70
CA VAL A 137 7.74 7.62 -17.04
C VAL A 137 7.83 7.06 -15.62
N ARG A 138 8.59 5.97 -15.46
CA ARG A 138 8.67 5.33 -14.16
C ARG A 138 9.57 6.13 -13.25
N SER A 139 10.61 6.71 -13.83
CA SER A 139 11.41 7.68 -13.10
C SER A 139 10.57 8.86 -12.61
N TYR A 140 9.76 9.44 -13.50
CA TYR A 140 8.93 10.56 -13.12
C TYR A 140 7.86 10.15 -12.10
N SER A 141 7.38 8.92 -12.23
CA SER A 141 6.36 8.40 -11.31
C SER A 141 6.87 8.40 -9.89
N GLN A 142 8.08 7.93 -9.70
CA GLN A 142 8.66 7.90 -8.36
C GLN A 142 8.80 9.31 -7.82
N GLN A 143 9.35 10.19 -8.64
CA GLN A 143 9.53 11.57 -8.22
C GLN A 143 8.20 12.23 -7.89
N LEU A 144 7.16 11.96 -8.67
CA LEU A 144 5.85 12.53 -8.35
C LEU A 144 5.29 12.00 -7.03
N PHE A 145 5.46 10.70 -6.77
CA PHE A 145 4.93 10.15 -5.52
C PHE A 145 5.70 10.72 -4.34
N LEU A 146 6.99 10.97 -4.53
CA LEU A 146 7.80 11.62 -3.51
C LEU A 146 7.21 12.99 -3.19
N ALA A 147 6.86 13.77 -4.20
CA ALA A 147 6.22 15.06 -3.93
C ALA A 147 4.90 14.89 -3.19
N LEU A 148 4.08 13.93 -3.62
CA LEU A 148 2.83 13.64 -2.92
C LEU A 148 3.09 13.36 -1.44
N LYS A 149 4.18 12.65 -1.16
CA LYS A 149 4.55 12.33 0.21
C LYS A 149 4.86 13.60 1.03
N LEU A 150 5.64 14.51 0.47
CA LEU A 150 5.94 15.76 1.18
C LEU A 150 4.65 16.55 1.45
N LEU A 151 3.78 16.63 0.45
CA LEU A 151 2.55 17.39 0.57
C LEU A 151 1.71 16.90 1.75
N LYS A 152 1.51 15.58 1.84
CA LYS A 152 0.74 14.97 2.92
C LYS A 152 1.40 15.22 4.27
N ARG A 153 2.72 15.10 4.31
CA ARG A 153 3.47 15.32 5.54
C ARG A 153 3.37 16.78 6.01
N CYS A 154 2.94 17.67 5.13
CA CYS A 154 2.78 19.08 5.49
C CYS A 154 1.31 19.45 5.49
N ASN A 155 0.45 18.44 5.34
CA ASN A 155 -0.99 18.66 5.33
C ASN A 155 -1.39 19.70 4.29
N ILE A 156 -0.78 19.62 3.11
CA ILE A 156 -1.14 20.48 1.99
C ILE A 156 -1.74 19.67 0.83
N LEU A 157 -2.82 20.18 0.26
CA LEU A 157 -3.32 19.74 -1.03
C LEU A 157 -2.78 20.68 -2.10
N HIS A 158 -2.28 20.12 -3.18
CA HIS A 158 -1.77 20.92 -4.29
C HIS A 158 -2.92 21.36 -5.19
N ALA A 159 -3.70 20.39 -5.64
CA ALA A 159 -4.98 20.63 -6.30
C ALA A 159 -4.87 21.18 -7.71
N ASP A 160 -3.68 21.17 -8.30
CA ASP A 160 -3.62 21.36 -9.74
C ASP A 160 -2.46 20.63 -10.40
N ILE A 161 -2.18 19.42 -9.94
CA ILE A 161 -1.14 18.60 -10.55
C ILE A 161 -1.56 18.11 -11.93
N LYS A 162 -0.67 18.33 -12.90
CA LYS A 162 -0.89 17.94 -14.29
C LYS A 162 0.39 18.32 -15.03
N PRO A 163 0.58 17.82 -16.25
CA PRO A 163 1.89 18.06 -16.89
C PRO A 163 2.34 19.53 -16.87
N ASP A 164 1.38 20.44 -16.96
CA ASP A 164 1.68 21.86 -17.10
C ASP A 164 2.35 22.46 -15.87
N ASN A 165 2.10 21.87 -14.71
CA ASN A 165 2.62 22.43 -13.47
C ASN A 165 3.77 21.60 -12.95
N ILE A 166 4.31 20.75 -13.81
CA ILE A 166 5.44 19.91 -13.43
C ILE A 166 6.62 20.29 -14.28
N LEU A 167 7.65 20.85 -13.65
CA LEU A 167 8.81 21.30 -14.40
C LEU A 167 9.95 20.31 -14.28
N VAL A 168 10.91 20.49 -15.17
CA VAL A 168 11.95 19.51 -15.36
C VAL A 168 13.24 20.31 -15.66
N ASN A 169 14.39 19.70 -15.43
CA ASN A 169 15.65 20.38 -15.65
C ASN A 169 16.15 20.24 -17.08
N GLU A 170 17.24 20.94 -17.38
CA GLU A 170 17.91 20.89 -18.67
C GLU A 170 17.95 19.48 -19.28
N SER A 171 18.37 18.50 -18.49
CA SER A 171 18.56 17.14 -18.99
C SER A 171 17.33 16.29 -18.75
N LYS A 172 16.32 16.85 -18.11
CA LYS A 172 15.05 16.18 -17.96
C LYS A 172 15.13 14.95 -17.05
N THR A 173 16.25 14.80 -16.35
CA THR A 173 16.35 13.74 -15.36
C THR A 173 15.49 14.02 -14.12
N ILE A 174 15.36 15.30 -13.77
CA ILE A 174 14.72 15.69 -12.53
C ILE A 174 13.45 16.51 -12.78
N LEU A 175 12.38 16.23 -12.04
CA LEU A 175 11.25 17.14 -12.08
C LEU A 175 10.90 17.75 -10.74
N LYS A 176 10.18 18.84 -10.81
CA LYS A 176 9.72 19.54 -9.64
C LYS A 176 8.24 19.79 -9.78
N LEU A 177 7.51 19.60 -8.69
CA LEU A 177 6.10 19.98 -8.68
C LEU A 177 6.06 21.47 -8.38
N CYS A 178 5.33 22.22 -9.18
CA CYS A 178 5.27 23.64 -8.92
C CYS A 178 3.88 24.22 -9.08
N ASP A 179 3.84 25.55 -9.02
CA ASP A 179 2.62 26.34 -9.02
C ASP A 179 1.66 25.98 -7.89
N PHE A 180 1.99 26.47 -6.71
CA PHE A 180 1.20 26.19 -5.52
C PHE A 180 0.16 27.27 -5.29
N GLY A 181 -0.29 27.88 -6.39
CA GLY A 181 -1.33 28.89 -6.31
C GLY A 181 -2.75 28.38 -6.29
N SER A 182 -2.95 27.07 -6.21
CA SER A 182 -4.29 26.51 -6.02
C SER A 182 -4.33 25.72 -4.74
N ALA A 183 -3.18 25.62 -4.09
CA ALA A 183 -3.04 24.76 -2.92
C ALA A 183 -3.86 25.27 -1.76
N SER A 184 -4.18 24.37 -0.84
CA SER A 184 -5.00 24.69 0.32
C SER A 184 -4.58 23.77 1.46
N HIS A 185 -4.99 24.12 2.67
CA HIS A 185 -4.88 23.17 3.78
C HIS A 185 -5.96 22.12 3.66
N VAL A 186 -5.72 20.96 4.26
CA VAL A 186 -6.67 19.85 4.21
C VAL A 186 -7.94 20.11 5.01
N ALA A 187 -7.81 20.93 6.05
CA ALA A 187 -8.88 21.12 7.02
C ALA A 187 -10.03 22.02 6.52
N ASP A 188 -9.71 23.01 5.72
CA ASP A 188 -10.72 23.94 5.23
C ASP A 188 -11.16 23.59 3.81
N ASN A 189 -11.94 22.52 3.71
CA ASN A 189 -12.23 21.88 2.42
C ASN A 189 -13.50 22.42 1.74
N ASP A 190 -13.37 23.58 1.10
CA ASP A 190 -14.50 24.17 0.38
C ASP A 190 -15.16 23.15 -0.53
N ILE A 191 -16.46 22.92 -0.30
CA ILE A 191 -17.23 22.07 -1.20
C ILE A 191 -17.55 22.82 -2.48
N THR A 192 -16.64 22.71 -3.45
CA THR A 192 -16.89 23.20 -4.81
C THR A 192 -16.64 22.03 -5.76
N PRO A 193 -17.49 21.86 -6.77
CA PRO A 193 -17.29 20.84 -7.81
C PRO A 193 -16.26 21.25 -8.88
N PTR A 194 -15.45 22.27 -8.60
CA PTR A 194 -14.54 22.79 -9.62
C PTR A 194 -13.10 22.95 -9.15
O PTR A 194 -12.28 23.57 -9.84
CB PTR A 194 -15.07 24.11 -10.18
CG PTR A 194 -16.48 23.98 -10.71
CD1 PTR A 194 -16.74 23.30 -11.90
CD2 PTR A 194 -17.55 24.48 -9.99
CE1 PTR A 194 -18.04 23.11 -12.34
CE2 PTR A 194 -18.85 24.31 -10.42
CZ PTR A 194 -19.08 23.61 -11.59
OH PTR A 194 -20.38 23.38 -11.99
P PTR A 194 -21.24 24.35 -12.83
O1P PTR A 194 -21.77 23.24 -13.66
O2P PTR A 194 -22.10 24.90 -11.73
O3P PTR A 194 -20.20 25.24 -13.40
N LEU A 195 -12.78 22.41 -7.98
CA LEU A 195 -11.39 22.26 -7.59
C LEU A 195 -10.73 21.40 -8.66
N VAL A 196 -9.48 21.75 -8.99
CA VAL A 196 -8.63 21.01 -9.93
C VAL A 196 -9.06 21.23 -11.38
N SER A 197 -8.10 21.37 -12.28
CA SER A 197 -8.43 21.42 -13.71
C SER A 197 -9.20 20.14 -14.09
N ARG A 198 -10.29 20.32 -14.83
CA ARG A 198 -11.32 19.29 -15.02
C ARG A 198 -10.78 17.88 -15.36
N PHE A 199 -9.90 17.80 -16.35
CA PHE A 199 -9.38 16.50 -16.81
C PHE A 199 -8.68 15.73 -15.68
N TYR A 200 -8.17 16.46 -14.69
CA TYR A 200 -7.43 15.81 -13.63
C TYR A 200 -8.22 15.82 -12.33
N ARG A 201 -9.51 16.14 -12.42
CA ARG A 201 -10.38 16.30 -11.25
C ARG A 201 -11.00 14.96 -10.79
N ALA A 202 -10.77 14.62 -9.53
CA ALA A 202 -11.24 13.34 -9.00
C ALA A 202 -12.76 13.30 -8.83
N PRO A 203 -13.34 12.10 -8.92
CA PRO A 203 -14.80 11.98 -8.78
C PRO A 203 -15.36 12.47 -7.43
N GLU A 204 -14.58 12.41 -6.36
CA GLU A 204 -15.08 12.91 -5.09
C GLU A 204 -15.30 14.42 -5.13
N ILE A 205 -14.47 15.14 -5.87
CA ILE A 205 -14.71 16.57 -6.04
C ILE A 205 -16.04 16.76 -6.74
N ILE A 206 -16.23 16.06 -7.86
CA ILE A 206 -17.40 16.27 -8.70
C ILE A 206 -18.68 15.84 -8.01
N ILE A 207 -18.62 14.72 -7.28
CA ILE A 207 -19.79 14.20 -6.59
C ILE A 207 -20.04 14.97 -5.30
N GLY A 208 -19.08 15.81 -4.92
CA GLY A 208 -19.23 16.62 -3.73
C GLY A 208 -19.00 15.81 -2.46
N LYS A 209 -18.28 14.71 -2.57
CA LYS A 209 -17.89 13.96 -1.38
C LYS A 209 -16.79 14.75 -0.68
N SER A 210 -16.50 14.41 0.56
CA SER A 210 -15.38 15.04 1.26
C SER A 210 -14.08 14.45 0.74
N TYR A 211 -13.10 15.31 0.53
CA TYR A 211 -11.87 14.91 -0.14
C TYR A 211 -10.64 15.34 0.64
N ASP A 212 -9.54 14.63 0.42
CA ASP A 212 -8.26 14.99 0.99
C ASP A 212 -7.13 14.74 0.00
N TYR A 213 -6.01 14.22 0.51
CA TYR A 213 -4.81 14.03 -0.30
C TYR A 213 -5.11 13.15 -1.51
N GLY A 214 -6.15 12.33 -1.39
CA GLY A 214 -6.55 11.47 -2.48
C GLY A 214 -6.72 12.16 -3.83
N ILE A 215 -7.05 13.45 -3.83
CA ILE A 215 -7.32 14.11 -5.10
C ILE A 215 -6.04 14.37 -5.87
N ASP A 216 -4.94 14.56 -5.14
CA ASP A 216 -3.64 14.76 -5.77
C ASP A 216 -3.13 13.45 -6.36
N MET A 217 -3.37 12.34 -5.64
CA MET A 217 -2.99 11.04 -6.16
C MET A 217 -3.78 10.72 -7.43
N TRP A 218 -5.08 11.03 -7.45
CA TRP A 218 -5.89 10.83 -8.66
C TRP A 218 -5.27 11.63 -9.79
N SER A 219 -4.99 12.90 -9.55
CA SER A 219 -4.39 13.75 -10.58
C SER A 219 -3.10 13.15 -11.12
N VAL A 220 -2.24 12.67 -10.21
CA VAL A 220 -1.01 12.03 -10.63
C VAL A 220 -1.26 10.86 -11.59
N GLY A 221 -2.18 9.98 -11.21
CA GLY A 221 -2.60 8.90 -12.08
C GLY A 221 -2.95 9.40 -13.48
N CYS A 222 -3.83 10.38 -13.58
CA CYS A 222 -4.20 10.90 -14.88
C CYS A 222 -2.99 11.36 -15.69
N THR A 223 -2.03 12.02 -15.03
CA THR A 223 -0.90 12.55 -15.79
C THR A 223 0.14 11.47 -16.15
N LEU A 224 0.28 10.43 -15.32
CA LEU A 224 1.11 9.28 -15.69
C LEU A 224 0.62 8.65 -16.99
N TYR A 225 -0.66 8.29 -17.04
CA TYR A 225 -1.24 7.82 -18.28
C TYR A 225 -0.87 8.77 -19.42
N GLU A 226 -1.20 10.05 -19.23
CA GLU A 226 -0.98 11.07 -20.26
C GLU A 226 0.50 11.21 -20.57
N LEU A 227 1.34 10.91 -19.59
CA LEU A 227 2.77 10.99 -19.75
C LEU A 227 3.26 9.90 -20.70
N TYR A 228 2.66 8.72 -20.58
CA TYR A 228 3.09 7.58 -21.39
C TYR A 228 2.42 7.49 -22.77
N THR A 229 1.14 7.86 -22.85
CA THR A 229 0.41 7.75 -24.09
C THR A 229 0.53 9.02 -24.94
N GLY A 230 0.77 10.15 -24.28
CA GLY A 230 0.69 11.42 -24.98
C GLY A 230 -0.74 11.92 -25.02
N LYS A 231 -1.66 11.13 -24.47
CA LYS A 231 -3.09 11.42 -24.56
C LYS A 231 -3.66 11.86 -23.21
N ILE A 232 -4.60 12.81 -23.23
CA ILE A 232 -5.44 13.06 -22.07
C ILE A 232 -6.32 11.87 -21.73
N LEU A 233 -6.26 11.39 -20.49
CA LEU A 233 -7.03 10.22 -20.07
C LEU A 233 -8.53 10.48 -20.08
N PHE A 234 -8.94 11.55 -19.42
CA PHE A 234 -10.36 11.87 -19.30
C PHE A 234 -10.68 13.23 -19.89
N PRO A 235 -10.73 13.32 -21.22
CA PRO A 235 -11.04 14.62 -21.84
C PRO A 235 -12.52 14.99 -21.78
N GLY A 236 -13.09 15.02 -20.59
CA GLY A 236 -14.51 15.34 -20.45
C GLY A 236 -14.87 16.82 -20.63
N LYS A 237 -15.93 17.09 -21.38
CA LYS A 237 -16.35 18.47 -21.65
C LYS A 237 -17.09 19.15 -20.49
N THR A 238 -17.56 18.33 -19.54
CA THR A 238 -18.28 18.82 -18.37
C THR A 238 -18.03 17.86 -17.22
N ASN A 239 -18.40 18.27 -16.01
CA ASN A 239 -18.26 17.41 -14.86
C ASN A 239 -18.99 16.09 -15.09
N ASN A 240 -20.18 16.17 -15.69
CA ASN A 240 -21.02 14.99 -15.90
C ASN A 240 -20.36 14.03 -16.88
N HIS A 241 -19.71 14.59 -17.90
CA HIS A 241 -18.95 13.80 -18.87
C HIS A 241 -17.73 13.13 -18.25
N MET A 242 -17.05 13.82 -17.33
CA MET A 242 -15.91 13.24 -16.63
C MET A 242 -16.36 12.01 -15.87
N LEU A 243 -17.48 12.11 -15.17
CA LEU A 243 -17.95 10.97 -14.38
C LEU A 243 -18.25 9.81 -15.32
N LYS A 244 -18.83 10.13 -16.47
CA LYS A 244 -19.11 9.13 -17.49
C LYS A 244 -17.80 8.46 -17.95
N LEU A 245 -16.80 9.28 -18.25
CA LEU A 245 -15.53 8.74 -18.72
C LEU A 245 -14.82 7.89 -17.65
N ALA A 246 -14.99 8.26 -16.37
CA ALA A 246 -14.37 7.52 -15.27
C ALA A 246 -15.07 6.18 -14.98
N MET A 247 -16.40 6.13 -15.14
CA MET A 247 -17.12 4.87 -14.98
C MET A 247 -16.97 3.95 -16.20
N ASP A 248 -16.66 4.51 -17.36
CA ASP A 248 -16.25 3.68 -18.49
C ASP A 248 -15.04 2.84 -18.10
N LEU A 249 -14.17 3.38 -17.26
CA LEU A 249 -12.98 2.66 -16.82
C LEU A 249 -13.28 1.71 -15.67
N LYS A 250 -13.91 2.22 -14.63
CA LYS A 250 -14.05 1.49 -13.38
C LYS A 250 -15.43 0.86 -13.15
N GLY A 251 -16.37 1.15 -14.03
CA GLY A 251 -17.76 0.79 -13.75
C GLY A 251 -18.48 1.84 -12.93
N LYS A 252 -19.75 1.55 -12.63
CA LYS A 252 -20.60 2.48 -11.88
C LYS A 252 -20.00 2.81 -10.52
N MET A 253 -20.19 4.04 -10.09
CA MET A 253 -19.70 4.49 -8.78
C MET A 253 -20.46 3.76 -7.66
N PRO A 254 -19.75 3.38 -6.58
CA PRO A 254 -20.37 2.76 -5.42
C PRO A 254 -21.49 3.61 -4.81
N ASN A 255 -22.62 2.96 -4.53
CA ASN A 255 -23.78 3.61 -3.91
C ASN A 255 -23.38 4.26 -2.60
N LYS A 256 -22.62 3.51 -1.80
CA LYS A 256 -22.08 4.01 -0.56
C LYS A 256 -21.45 5.38 -0.80
N MET A 257 -20.82 5.54 -1.96
CA MET A 257 -20.12 6.78 -2.26
C MET A 257 -21.04 7.83 -2.85
N ILE A 258 -21.97 7.41 -3.71
CA ILE A 258 -22.88 8.35 -4.35
C ILE A 258 -23.71 9.10 -3.29
N ARG A 259 -24.01 8.42 -2.20
CA ARG A 259 -24.80 9.01 -1.14
C ARG A 259 -24.01 10.08 -0.38
N LYS A 260 -22.73 9.84 -0.14
CA LYS A 260 -21.93 10.82 0.59
C LYS A 260 -21.73 12.10 -0.19
N GLY A 261 -22.29 12.16 -1.40
CA GLY A 261 -22.03 13.28 -2.28
C GLY A 261 -23.01 14.43 -2.13
N VAL A 262 -22.48 15.62 -1.91
CA VAL A 262 -23.31 16.81 -1.80
C VAL A 262 -23.97 17.19 -3.13
N PHE A 263 -23.32 16.87 -4.24
CA PHE A 263 -23.93 17.14 -5.55
C PHE A 263 -24.37 15.88 -6.29
N LYS A 264 -24.72 14.82 -5.55
CA LYS A 264 -25.17 13.60 -6.20
C LYS A 264 -26.36 13.88 -7.11
N ASP A 265 -27.24 14.79 -6.69
CA ASP A 265 -28.49 15.05 -7.40
C ASP A 265 -28.30 15.53 -8.83
N GLN A 266 -27.12 16.08 -9.12
CA GLN A 266 -26.82 16.60 -10.44
C GLN A 266 -26.54 15.46 -11.44
N HIS A 267 -26.20 14.28 -10.92
CA HIS A 267 -25.64 13.21 -11.75
C HIS A 267 -26.37 11.87 -11.61
N PHE A 268 -26.94 11.63 -10.44
CA PHE A 268 -27.60 10.36 -10.14
C PHE A 268 -29.04 10.57 -9.73
N ASP A 269 -29.93 9.72 -10.22
CA ASP A 269 -31.35 9.86 -9.93
C ASP A 269 -31.67 9.26 -8.57
N GLN A 270 -32.94 9.34 -8.18
CA GLN A 270 -33.38 8.79 -6.89
C GLN A 270 -32.98 7.32 -6.71
N ASN A 271 -32.95 6.56 -7.80
CA ASN A 271 -32.59 5.14 -7.76
C ASN A 271 -31.08 4.94 -7.85
N LEU A 272 -30.33 6.04 -7.83
CA LEU A 272 -28.88 6.01 -7.91
C LEU A 272 -28.37 5.62 -9.30
N ASN A 273 -29.24 5.75 -10.30
CA ASN A 273 -28.83 5.47 -11.67
C ASN A 273 -28.12 6.70 -12.23
N PHE A 274 -27.06 6.49 -13.00
CA PHE A 274 -26.31 7.61 -13.53
C PHE A 274 -27.09 8.29 -14.65
N MET A 275 -27.22 9.61 -14.55
CA MET A 275 -27.92 10.39 -15.56
C MET A 275 -26.93 11.09 -16.48
N TYR A 276 -26.83 10.59 -17.71
CA TYR A 276 -25.80 11.02 -18.63
C TYR A 276 -26.35 12.07 -19.59
N ILE A 277 -25.82 13.27 -19.50
CA ILE A 277 -26.31 14.39 -20.29
C ILE A 277 -25.67 14.44 -21.66
N GLU A 278 -26.47 14.69 -22.69
CA GLU A 278 -25.95 14.87 -24.03
C GLU A 278 -26.66 16.00 -24.74
N VAL A 279 -26.02 16.57 -25.76
CA VAL A 279 -26.60 17.67 -26.51
C VAL A 279 -27.23 17.19 -27.82
N ASP A 280 -28.29 17.88 -28.24
CA ASP A 280 -28.88 17.71 -29.56
C ASP A 280 -29.56 16.35 -29.67
N ARG A 285 -30.16 20.89 -28.09
CA ARG A 285 -31.01 20.67 -26.92
C ARG A 285 -30.53 19.49 -26.07
N GLU A 286 -30.55 19.66 -24.75
CA GLU A 286 -29.93 18.71 -23.84
C GLU A 286 -30.85 17.53 -23.53
N LYS A 287 -30.42 16.33 -23.93
CA LYS A 287 -31.12 15.10 -23.61
C LYS A 287 -30.44 14.42 -22.43
N VAL A 288 -31.20 13.62 -21.69
CA VAL A 288 -30.67 12.83 -20.58
C VAL A 288 -30.95 11.35 -20.82
N THR A 289 -29.93 10.51 -20.74
CA THR A 289 -30.20 9.08 -20.73
C THR A 289 -29.73 8.45 -19.43
N VAL A 290 -30.58 7.60 -18.86
CA VAL A 290 -30.31 6.98 -17.59
C VAL A 290 -29.70 5.61 -17.80
N MET A 291 -28.60 5.32 -17.11
CA MET A 291 -28.06 3.97 -17.08
C MET A 291 -28.02 3.42 -15.66
N SER A 292 -28.67 2.28 -15.48
CA SER A 292 -28.76 1.61 -14.17
C SER A 292 -27.44 0.94 -13.83
N THR A 293 -26.94 0.17 -14.78
CA THR A 293 -25.61 -0.37 -14.69
C THR A 293 -24.77 0.28 -15.78
N ILE A 294 -23.46 0.34 -15.54
CA ILE A 294 -22.51 0.81 -16.52
C ILE A 294 -21.31 -0.11 -16.43
N ASN A 295 -21.11 -0.93 -17.46
CA ASN A 295 -20.00 -1.87 -17.44
C ASN A 295 -18.81 -1.33 -18.22
N PRO A 296 -17.61 -1.55 -17.69
CA PRO A 296 -16.35 -0.99 -18.21
C PRO A 296 -16.13 -1.30 -19.68
N THR A 297 -16.02 -0.25 -20.49
CA THR A 297 -15.67 -0.41 -21.89
C THR A 297 -14.20 -0.03 -22.12
N LYS A 298 -13.68 0.84 -21.26
CA LYS A 298 -12.32 1.34 -21.40
C LYS A 298 -11.29 0.27 -21.07
N ASP A 299 -10.41 0.02 -22.03
CA ASP A 299 -9.40 -1.03 -21.95
C ASP A 299 -8.05 -0.37 -21.74
N LEU A 300 -7.61 -0.29 -20.49
CA LEU A 300 -6.43 0.48 -20.16
C LEU A 300 -5.15 -0.06 -20.79
N LEU A 301 -4.96 -1.38 -20.75
CA LEU A 301 -3.72 -1.98 -21.24
C LEU A 301 -3.56 -1.73 -22.73
N ALA A 302 -4.68 -1.78 -23.47
CA ALA A 302 -4.65 -1.63 -24.92
C ALA A 302 -4.40 -0.19 -25.33
N ASP A 303 -5.06 0.76 -24.69
CA ASP A 303 -4.50 2.10 -24.66
C ASP A 303 -3.16 1.87 -24.00
N LEU A 304 -2.33 2.90 -23.85
CA LEU A 304 -1.13 2.68 -23.06
C LEU A 304 -0.26 1.68 -23.82
N ILE A 305 -0.50 1.57 -25.13
CA ILE A 305 0.29 0.67 -26.00
C ILE A 305 0.21 1.12 -27.46
N LEU A 310 7.03 -3.60 -29.34
CA LEU A 310 8.11 -3.30 -28.40
C LEU A 310 8.28 -4.36 -27.30
N PRO A 311 9.50 -4.47 -26.73
CA PRO A 311 10.08 -5.66 -26.08
C PRO A 311 9.42 -6.13 -24.79
N GLU A 312 9.83 -7.32 -24.34
CA GLU A 312 9.22 -7.96 -23.18
C GLU A 312 9.61 -7.31 -21.84
N ASP A 313 10.80 -6.72 -21.80
CA ASP A 313 11.21 -5.93 -20.64
C ASP A 313 10.29 -4.72 -20.48
N GLN A 314 10.13 -3.97 -21.56
CA GLN A 314 9.21 -2.83 -21.57
C GLN A 314 7.77 -3.27 -21.33
N ARG A 315 7.31 -4.22 -22.14
CA ARG A 315 5.93 -4.67 -22.08
C ARG A 315 5.58 -5.03 -20.65
N LYS A 316 6.50 -5.70 -19.97
CA LYS A 316 6.24 -6.08 -18.58
C LYS A 316 6.10 -4.83 -17.70
N LYS A 317 6.89 -3.80 -17.98
CA LYS A 317 6.79 -2.54 -17.24
C LYS A 317 5.43 -1.89 -17.49
N VAL A 318 5.01 -1.89 -18.75
CA VAL A 318 3.77 -1.25 -19.12
C VAL A 318 2.58 -1.96 -18.46
N HIS A 319 2.68 -3.28 -18.31
CA HIS A 319 1.65 -4.02 -17.60
C HIS A 319 1.64 -3.56 -16.16
N GLN A 320 2.83 -3.31 -15.64
CA GLN A 320 2.96 -2.84 -14.28
C GLN A 320 2.32 -1.47 -14.12
N LEU A 321 2.55 -0.60 -15.10
CA LEU A 321 1.98 0.74 -15.07
C LEU A 321 0.46 0.61 -15.04
N LYS A 322 -0.03 -0.26 -15.90
CA LYS A 322 -1.45 -0.54 -15.99
C LYS A 322 -2.01 -1.06 -14.66
N ASP A 323 -1.26 -1.89 -13.95
CA ASP A 323 -1.72 -2.36 -12.64
C ASP A 323 -1.69 -1.24 -11.60
N LEU A 324 -0.63 -0.42 -11.65
CA LEU A 324 -0.49 0.71 -10.74
C LEU A 324 -1.58 1.74 -10.99
N LEU A 325 -1.88 1.99 -12.27
CA LEU A 325 -2.91 2.95 -12.61
C LEU A 325 -4.25 2.51 -12.05
N ASP A 326 -4.49 1.19 -12.07
CA ASP A 326 -5.76 0.68 -11.64
C ASP A 326 -6.01 0.86 -10.16
N GLN A 327 -4.95 0.72 -9.35
CA GLN A 327 -5.03 1.05 -7.92
C GLN A 327 -5.23 2.56 -7.69
N ILE A 328 -4.59 3.40 -8.50
CA ILE A 328 -4.71 4.84 -8.34
C ILE A 328 -6.08 5.36 -8.72
N LEU A 329 -6.67 4.78 -9.76
CA LEU A 329 -7.87 5.33 -10.36
C LEU A 329 -9.15 4.72 -9.80
N MET A 330 -9.07 4.19 -8.58
CA MET A 330 -10.26 3.71 -7.88
C MET A 330 -11.21 4.87 -7.58
N LEU A 331 -12.44 4.78 -8.08
CA LEU A 331 -13.40 5.86 -7.94
C LEU A 331 -13.55 6.34 -6.50
N ASP A 332 -13.55 5.41 -5.55
CA ASP A 332 -13.64 5.76 -4.13
C ASP A 332 -12.25 5.93 -3.55
N PRO A 333 -11.90 7.15 -3.13
CA PRO A 333 -10.55 7.40 -2.63
C PRO A 333 -10.21 6.52 -1.43
N ALA A 334 -11.23 6.06 -0.72
CA ALA A 334 -11.02 5.22 0.45
C ALA A 334 -10.29 3.95 0.02
N LYS A 335 -10.58 3.49 -1.19
CA LYS A 335 -9.99 2.27 -1.75
C LYS A 335 -8.73 2.56 -2.53
N ARG A 336 -8.38 3.85 -2.65
CA ARG A 336 -7.31 4.25 -3.54
C ARG A 336 -5.95 3.95 -2.91
N ILE A 337 -4.98 3.52 -3.72
CA ILE A 337 -3.67 3.16 -3.19
C ILE A 337 -2.94 4.32 -2.49
N SER A 338 -2.36 4.04 -1.33
CA SER A 338 -1.65 5.06 -0.57
C SER A 338 -0.33 5.43 -1.23
N ILE A 339 0.24 6.54 -0.80
CA ILE A 339 1.49 7.04 -1.34
C ILE A 339 2.65 6.09 -1.06
N ASN A 340 2.79 5.66 0.20
CA ASN A 340 3.86 4.73 0.53
C ASN A 340 3.72 3.45 -0.27
N GLN A 341 2.49 2.98 -0.42
CA GLN A 341 2.25 1.74 -1.18
C GLN A 341 2.55 1.92 -2.65
N ALA A 342 2.20 3.09 -3.18
CA ALA A 342 2.54 3.44 -4.56
C ALA A 342 4.07 3.43 -4.76
N LEU A 343 4.79 4.05 -3.84
CA LEU A 343 6.25 4.10 -3.91
C LEU A 343 6.86 2.68 -3.89
N GLN A 344 6.16 1.76 -3.25
CA GLN A 344 6.67 0.40 -3.15
C GLN A 344 6.15 -0.51 -4.26
N HIS A 345 5.29 0.02 -5.13
CA HIS A 345 4.72 -0.77 -6.22
C HIS A 345 5.82 -1.31 -7.13
N ALA A 346 5.55 -2.48 -7.73
CA ALA A 346 6.50 -3.15 -8.62
C ALA A 346 6.90 -2.26 -9.78
N PHE A 347 5.97 -1.46 -10.27
CA PHE A 347 6.27 -0.59 -11.40
C PHE A 347 7.42 0.36 -11.06
N ILE A 348 7.44 0.83 -9.81
CA ILE A 348 8.46 1.76 -9.34
C ILE A 348 9.74 1.01 -8.98
N GLN A 349 9.59 -0.03 -8.18
CA GLN A 349 10.72 -0.80 -7.68
C GLN A 349 11.57 -1.37 -8.81
N GLU A 350 11.11 -1.16 -10.04
CA GLU A 350 11.89 -1.46 -11.25
C GLU A 350 11.67 -2.89 -11.71
N ARG B 21 -5.39 -35.96 27.83
CA ARG B 21 -5.78 -36.64 29.10
C ARG B 21 -7.18 -37.25 29.06
N VAL B 22 -7.83 -37.19 27.89
CA VAL B 22 -9.22 -37.64 27.75
C VAL B 22 -9.31 -38.97 27.01
N ASN B 23 -10.38 -39.71 27.28
CA ASN B 23 -10.58 -41.05 26.71
C ASN B 23 -11.65 -41.07 25.63
N ILE B 24 -11.47 -41.96 24.65
CA ILE B 24 -12.46 -42.14 23.59
C ILE B 24 -13.76 -42.66 24.18
N GLY B 25 -14.87 -42.22 23.60
CA GLY B 25 -16.17 -42.68 24.07
C GLY B 25 -16.70 -41.80 25.18
N GLU B 26 -15.82 -41.02 25.79
CA GLU B 26 -16.22 -40.14 26.87
C GLU B 26 -17.22 -39.11 26.36
N VAL B 27 -18.24 -38.84 27.17
CA VAL B 27 -19.20 -37.80 26.80
C VAL B 27 -18.90 -36.57 27.62
N LEU B 28 -18.76 -35.43 26.94
CA LEU B 28 -18.39 -34.19 27.60
C LEU B 28 -19.54 -33.21 27.57
N ASP B 29 -19.81 -32.59 28.72
CA ASP B 29 -20.84 -31.58 28.84
C ASP B 29 -22.23 -32.17 28.56
N LYS B 30 -22.33 -33.49 28.67
CA LYS B 30 -23.59 -34.19 28.50
C LYS B 30 -24.09 -34.20 27.05
N ARG B 31 -23.18 -34.00 26.07
CA ARG B 31 -23.59 -33.97 24.68
C ARG B 31 -22.49 -34.35 23.68
N TYR B 32 -21.25 -34.00 24.00
CA TYR B 32 -20.15 -34.21 23.06
C TYR B 32 -19.52 -35.56 23.32
N ASN B 33 -19.65 -36.47 22.36
CA ASN B 33 -19.06 -37.78 22.51
C ASN B 33 -17.77 -37.88 21.74
N VAL B 34 -16.69 -38.11 22.47
CA VAL B 34 -15.36 -38.06 21.90
C VAL B 34 -15.01 -39.36 21.19
N TYR B 35 -14.75 -39.29 19.89
CA TYR B 35 -14.45 -40.49 19.13
C TYR B 35 -13.06 -40.49 18.51
N GLY B 36 -12.22 -39.53 18.90
CA GLY B 36 -10.89 -39.49 18.33
C GLY B 36 -10.10 -38.22 18.58
N TYR B 37 -8.84 -38.25 18.17
CA TYR B 37 -7.90 -37.15 18.39
C TYR B 37 -7.48 -36.49 17.09
N THR B 38 -7.27 -35.19 17.15
CA THR B 38 -6.50 -34.48 16.15
C THR B 38 -5.07 -34.36 16.65
N GLY B 39 -4.92 -34.38 17.98
CA GLY B 39 -3.59 -34.48 18.56
C GLY B 39 -3.32 -33.63 19.80
N GLN B 40 -2.21 -33.93 20.44
CA GLN B 40 -1.67 -33.10 21.52
C GLN B 40 -0.73 -32.07 20.91
N GLY B 41 -1.23 -30.87 20.67
CA GLY B 41 -0.41 -29.84 20.06
C GLY B 41 -0.79 -28.42 20.45
N VAL B 42 -0.03 -27.83 21.35
CA VAL B 42 1.03 -28.53 22.08
C VAL B 42 0.83 -28.15 23.55
N PHE B 43 -0.34 -27.59 23.83
CA PHE B 43 -0.63 -26.91 25.08
C PHE B 43 -2.04 -27.27 25.49
N SER B 44 -2.61 -28.25 24.78
CA SER B 44 -4.02 -28.55 24.87
C SER B 44 -4.35 -29.72 23.95
N ASN B 45 -5.13 -30.65 24.45
CA ASN B 45 -5.56 -31.78 23.64
C ASN B 45 -6.78 -31.36 22.85
N VAL B 46 -6.75 -31.59 21.54
CA VAL B 46 -7.92 -31.33 20.70
C VAL B 46 -8.52 -32.64 20.18
N VAL B 47 -9.79 -32.85 20.50
CA VAL B 47 -10.49 -34.08 20.12
C VAL B 47 -11.62 -33.85 19.12
N ARG B 48 -11.95 -34.91 18.39
CA ARG B 48 -13.12 -34.93 17.54
C ARG B 48 -14.27 -35.58 18.30
N ALA B 49 -15.41 -34.91 18.33
CA ALA B 49 -16.60 -35.44 19.01
C ALA B 49 -17.82 -35.27 18.12
N ARG B 50 -18.86 -36.06 18.41
CA ARG B 50 -20.15 -35.79 17.83
C ARG B 50 -21.09 -35.27 18.92
N ASP B 51 -21.98 -34.36 18.52
CA ASP B 51 -22.79 -33.61 19.47
C ASP B 51 -24.21 -34.16 19.52
N ASN B 52 -24.47 -35.01 20.50
CA ASN B 52 -25.80 -35.58 20.73
C ASN B 52 -26.91 -34.55 20.55
N ALA B 53 -26.71 -33.37 21.10
CA ALA B 53 -27.75 -32.35 21.10
C ALA B 53 -27.96 -31.74 19.71
N ARG B 54 -27.13 -32.11 18.75
CA ARG B 54 -27.28 -31.52 17.42
C ARG B 54 -27.15 -32.54 16.30
N ALA B 55 -27.93 -33.61 16.42
CA ALA B 55 -28.05 -34.63 15.37
C ALA B 55 -26.70 -35.28 15.13
N ASN B 56 -25.87 -35.30 16.18
CA ASN B 56 -24.56 -35.94 16.15
C ASN B 56 -23.55 -35.26 15.23
N GLN B 57 -23.77 -33.99 14.94
CA GLN B 57 -22.83 -33.23 14.12
C GLN B 57 -21.43 -33.21 14.72
N GLU B 58 -20.43 -33.08 13.84
CA GLU B 58 -19.03 -33.10 14.25
C GLU B 58 -18.61 -31.77 14.86
N VAL B 59 -17.83 -31.83 15.94
CA VAL B 59 -17.15 -30.64 16.43
C VAL B 59 -15.73 -30.99 16.83
N ALA B 60 -14.90 -29.97 16.95
CA ALA B 60 -13.62 -30.11 17.63
C ALA B 60 -13.74 -29.53 19.03
N VAL B 61 -13.16 -30.20 20.02
CA VAL B 61 -13.07 -29.62 21.35
C VAL B 61 -11.64 -29.50 21.82
N LYS B 62 -11.23 -28.27 22.08
CA LYS B 62 -9.87 -28.01 22.53
C LYS B 62 -9.91 -27.98 24.04
N ILE B 63 -9.11 -28.84 24.67
CA ILE B 63 -9.12 -28.94 26.12
C ILE B 63 -7.83 -28.36 26.69
N ILE B 64 -7.95 -27.18 27.31
CA ILE B 64 -6.81 -26.40 27.78
C ILE B 64 -6.13 -27.03 28.99
N ARG B 65 -4.83 -26.80 29.13
CA ARG B 65 -4.03 -27.47 30.16
C ARG B 65 -4.53 -27.20 31.58
N ASN B 66 -4.34 -28.20 32.43
CA ASN B 66 -4.82 -28.22 33.81
C ASN B 66 -4.27 -27.07 34.64
N ASN B 67 -3.93 -25.97 33.98
CA ASN B 67 -2.74 -25.22 34.31
C ASN B 67 -3.01 -23.77 34.63
N GLU B 68 -2.26 -23.24 35.58
CA GLU B 68 -2.53 -21.92 36.17
C GLU B 68 -2.48 -20.79 35.14
N LEU B 69 -1.48 -20.83 34.26
CA LEU B 69 -1.33 -19.79 33.26
C LEU B 69 -1.81 -20.21 31.86
N MET B 70 -1.84 -21.51 31.63
CA MET B 70 -2.38 -22.03 30.38
C MET B 70 -3.84 -21.65 30.24
N GLN B 71 -4.57 -21.62 31.36
CA GLN B 71 -5.98 -21.29 31.30
C GLN B 71 -6.18 -19.77 31.19
N LYS B 72 -5.23 -19.00 31.71
CA LYS B 72 -5.27 -17.56 31.51
C LYS B 72 -5.29 -17.26 30.01
N THR B 73 -4.45 -17.94 29.26
CA THR B 73 -4.32 -17.69 27.82
C THR B 73 -5.47 -18.34 27.06
N GLY B 74 -6.05 -19.40 27.64
CA GLY B 74 -7.25 -20.00 27.09
C GLY B 74 -8.45 -19.07 27.15
N LEU B 75 -8.67 -18.44 28.31
CA LEU B 75 -9.69 -17.41 28.42
C LEU B 75 -9.39 -16.25 27.47
N LYS B 76 -8.11 -16.02 27.21
CA LYS B 76 -7.71 -15.00 26.25
C LYS B 76 -8.20 -15.45 24.87
N GLU B 77 -7.86 -16.68 24.51
CA GLU B 77 -8.26 -17.24 23.23
C GLU B 77 -9.78 -17.20 23.04
N LEU B 78 -10.53 -17.30 24.14
CA LEU B 78 -11.97 -17.23 24.03
C LEU B 78 -12.40 -15.84 23.59
N GLU B 79 -11.85 -14.82 24.25
CA GLU B 79 -12.29 -13.45 24.02
C GLU B 79 -11.96 -13.01 22.61
N PHE B 80 -10.78 -13.36 22.15
CA PHE B 80 -10.33 -12.98 20.83
C PHE B 80 -11.17 -13.60 19.72
N LEU B 81 -11.62 -14.83 19.91
CA LEU B 81 -12.45 -15.49 18.93
C LEU B 81 -13.87 -14.91 18.92
N LYS B 82 -14.37 -14.54 20.11
CA LYS B 82 -15.66 -13.86 20.20
C LYS B 82 -15.65 -12.58 19.37
N LYS B 83 -14.77 -11.65 19.71
CA LYS B 83 -14.64 -10.41 18.96
C LYS B 83 -14.47 -10.67 17.47
N LEU B 84 -13.63 -11.64 17.14
CA LEU B 84 -13.34 -11.97 15.75
C LEU B 84 -14.54 -12.61 15.05
N ASN B 85 -15.24 -13.49 15.77
CA ASN B 85 -16.46 -14.07 15.22
C ASN B 85 -17.61 -13.07 15.23
N ASP B 86 -17.73 -12.28 16.29
CA ASP B 86 -18.72 -11.20 16.31
C ASP B 86 -18.50 -10.27 15.13
N ALA B 87 -17.25 -9.92 14.88
CA ALA B 87 -16.93 -8.99 13.82
C ALA B 87 -17.12 -9.58 12.42
N ASP B 88 -17.11 -10.91 12.31
CA ASP B 88 -17.33 -11.55 11.02
C ASP B 88 -18.58 -12.44 11.03
N PRO B 89 -19.78 -11.82 11.07
CA PRO B 89 -21.05 -12.53 11.23
C PRO B 89 -21.32 -13.52 10.10
N ASP B 90 -20.98 -13.13 8.88
CA ASP B 90 -21.19 -13.98 7.73
C ASP B 90 -19.96 -14.85 7.46
N ASP B 91 -19.02 -14.83 8.40
CA ASP B 91 -17.78 -15.60 8.27
C ASP B 91 -17.22 -15.60 6.86
N LYS B 92 -16.55 -14.53 6.49
CA LYS B 92 -15.96 -14.42 5.16
C LYS B 92 -14.47 -14.11 5.23
N PHE B 93 -13.94 -13.99 6.45
CA PHE B 93 -12.54 -13.63 6.65
C PHE B 93 -11.70 -14.71 7.32
N HIS B 94 -12.18 -15.95 7.22
CA HIS B 94 -11.32 -17.12 7.38
C HIS B 94 -10.62 -17.25 8.73
N CYS B 95 -11.28 -16.87 9.80
CA CYS B 95 -10.79 -17.26 11.10
C CYS B 95 -11.61 -18.40 11.65
N LEU B 96 -10.99 -19.19 12.51
CA LEU B 96 -11.66 -20.35 13.09
C LEU B 96 -12.92 -19.90 13.79
N ARG B 97 -14.01 -20.63 13.59
CA ARG B 97 -15.31 -20.27 14.16
C ARG B 97 -15.54 -21.00 15.47
N LEU B 98 -15.64 -20.24 16.55
CA LEU B 98 -15.90 -20.80 17.87
C LEU B 98 -17.42 -20.94 18.09
N PHE B 99 -17.83 -22.11 18.56
CA PHE B 99 -19.25 -22.36 18.81
C PHE B 99 -19.66 -21.95 20.22
N ARG B 100 -18.99 -22.54 21.22
CA ARG B 100 -19.26 -22.26 22.63
C ARG B 100 -18.18 -22.89 23.50
N HIS B 101 -18.35 -22.80 24.82
CA HIS B 101 -17.39 -23.34 25.76
C HIS B 101 -18.05 -23.85 27.04
N PHE B 102 -17.35 -24.70 27.76
CA PHE B 102 -17.83 -25.25 29.03
C PHE B 102 -16.64 -25.75 29.86
N TYR B 103 -16.93 -26.34 31.02
CA TYR B 103 -15.87 -26.85 31.88
C TYR B 103 -16.02 -28.33 32.12
N HIS B 104 -14.89 -29.04 32.11
CA HIS B 104 -14.90 -30.47 32.38
C HIS B 104 -13.68 -30.81 33.21
N LYS B 105 -13.91 -31.41 34.38
CA LYS B 105 -12.83 -31.73 35.31
C LYS B 105 -11.83 -30.58 35.44
N GLN B 106 -12.32 -29.36 35.62
CA GLN B 106 -11.46 -28.21 35.85
C GLN B 106 -10.68 -27.75 34.62
N HIS B 107 -11.03 -28.28 33.45
CA HIS B 107 -10.43 -27.78 32.21
C HIS B 107 -11.40 -26.86 31.48
N LEU B 108 -10.91 -25.72 31.00
CA LEU B 108 -11.70 -24.91 30.10
C LEU B 108 -11.76 -25.69 28.78
N CYS B 109 -12.95 -25.81 28.21
CA CYS B 109 -13.10 -26.51 26.95
C CYS B 109 -13.76 -25.63 25.91
N LEU B 110 -13.07 -25.47 24.78
CA LEU B 110 -13.58 -24.65 23.68
C LEU B 110 -14.10 -25.52 22.53
N VAL B 111 -15.28 -25.19 22.03
CA VAL B 111 -15.89 -26.00 20.97
C VAL B 111 -15.84 -25.24 19.65
N PHE B 112 -15.13 -25.82 18.69
CA PHE B 112 -14.96 -25.21 17.38
C PHE B 112 -15.71 -25.97 16.29
N GLU B 113 -15.94 -25.30 15.17
CA GLU B 113 -16.28 -25.97 13.92
C GLU B 113 -15.25 -27.07 13.67
N PRO B 114 -15.71 -28.20 13.11
CA PRO B 114 -14.81 -29.35 12.84
C PRO B 114 -13.96 -29.00 11.62
N LEU B 115 -12.67 -29.32 11.67
CA LEU B 115 -11.79 -29.07 10.53
C LEU B 115 -10.73 -30.18 10.40
N SER B 116 -10.59 -30.76 9.20
CA SER B 116 -9.90 -32.05 9.09
C SER B 116 -8.44 -32.00 9.54
N MET B 117 -7.63 -31.20 8.86
CA MET B 117 -6.20 -31.18 9.16
C MET B 117 -5.53 -29.82 8.94
N ASN B 118 -4.40 -29.64 9.61
CA ASN B 118 -3.66 -28.40 9.44
C ASN B 118 -2.71 -28.49 8.24
N LEU B 119 -2.24 -27.35 7.76
CA LEU B 119 -1.51 -27.29 6.51
C LEU B 119 -0.13 -27.90 6.66
N ARG B 120 0.37 -27.95 7.89
CA ARG B 120 1.61 -28.66 8.15
C ARG B 120 1.45 -30.11 7.70
N GLU B 121 0.36 -30.75 8.10
CA GLU B 121 0.17 -32.15 7.76
C GLU B 121 -0.30 -32.39 6.33
N VAL B 122 -0.91 -31.40 5.68
CA VAL B 122 -1.17 -31.61 4.25
C VAL B 122 0.16 -31.55 3.51
N LEU B 123 1.03 -30.63 3.91
CA LEU B 123 2.34 -30.48 3.29
C LEU B 123 3.18 -31.76 3.41
N LYS B 124 3.09 -32.45 4.54
CA LYS B 124 3.78 -33.73 4.72
C LYS B 124 3.19 -34.83 3.84
N LYS B 125 1.88 -34.77 3.63
CA LYS B 125 1.18 -35.75 2.81
C LYS B 125 1.52 -35.54 1.34
N TYR B 126 2.16 -34.41 1.04
CA TYR B 126 2.64 -34.12 -0.30
C TYR B 126 4.06 -34.61 -0.59
N GLY B 127 4.82 -34.89 0.47
CA GLY B 127 6.13 -35.50 0.29
C GLY B 127 7.30 -34.53 0.34
N LYS B 128 8.49 -35.08 0.60
CA LYS B 128 9.70 -34.28 0.79
C LYS B 128 9.86 -33.14 -0.19
N ASP B 129 9.71 -31.91 0.30
CA ASP B 129 10.05 -30.74 -0.50
C ASP B 129 9.20 -30.56 -1.75
N VAL B 130 7.99 -31.11 -1.77
CA VAL B 130 7.20 -31.03 -2.98
C VAL B 130 6.39 -29.74 -3.05
N GLY B 131 5.60 -29.45 -2.01
CA GLY B 131 4.79 -28.24 -2.01
C GLY B 131 3.39 -28.46 -2.57
N LEU B 132 2.55 -27.44 -2.46
CA LEU B 132 1.22 -27.50 -3.04
C LEU B 132 1.23 -26.97 -4.46
N HIS B 133 0.23 -27.37 -5.24
CA HIS B 133 -0.01 -26.82 -6.56
C HIS B 133 -0.15 -25.29 -6.46
N ILE B 134 0.31 -24.59 -7.49
CA ILE B 134 0.33 -23.13 -7.48
C ILE B 134 -1.10 -22.59 -7.50
N LYS B 135 -2.03 -23.37 -8.05
CA LYS B 135 -3.45 -23.04 -7.93
C LYS B 135 -3.82 -22.93 -6.45
N ALA B 136 -3.43 -23.95 -5.69
CA ALA B 136 -3.82 -24.01 -4.29
C ALA B 136 -3.19 -22.88 -3.51
N VAL B 137 -1.89 -22.68 -3.69
CA VAL B 137 -1.18 -21.62 -2.99
C VAL B 137 -1.84 -20.27 -3.29
N ARG B 138 -2.13 -20.04 -4.56
CA ARG B 138 -2.80 -18.82 -4.99
C ARG B 138 -4.10 -18.59 -4.23
N SER B 139 -4.97 -19.59 -4.23
CA SER B 139 -6.21 -19.49 -3.46
C SER B 139 -5.95 -19.30 -1.96
N TYR B 140 -5.00 -20.04 -1.41
CA TYR B 140 -4.73 -19.93 0.02
C TYR B 140 -4.22 -18.53 0.40
N SER B 141 -3.33 -17.96 -0.40
CA SER B 141 -2.82 -16.62 -0.15
C SER B 141 -3.95 -15.60 0.02
N GLN B 142 -4.92 -15.67 -0.86
CA GLN B 142 -6.06 -14.75 -0.80
C GLN B 142 -6.85 -14.92 0.50
N GLN B 143 -7.02 -16.17 0.93
CA GLN B 143 -7.75 -16.44 2.15
C GLN B 143 -6.98 -15.94 3.37
N LEU B 144 -5.66 -16.14 3.36
CA LEU B 144 -4.83 -15.65 4.45
C LEU B 144 -4.82 -14.12 4.54
N PHE B 145 -4.84 -13.43 3.40
CA PHE B 145 -4.89 -11.96 3.44
C PHE B 145 -6.23 -11.45 3.97
N LEU B 146 -7.32 -12.08 3.53
CA LEU B 146 -8.63 -11.76 4.08
C LEU B 146 -8.60 -11.92 5.60
N ALA B 147 -7.88 -12.93 6.06
CA ALA B 147 -7.72 -13.18 7.49
C ALA B 147 -6.91 -12.06 8.16
N LEU B 148 -5.90 -11.56 7.44
CA LEU B 148 -5.07 -10.50 7.98
C LEU B 148 -5.90 -9.21 8.09
N LYS B 149 -6.73 -8.97 7.07
CA LYS B 149 -7.64 -7.83 7.07
C LYS B 149 -8.61 -7.87 8.25
N LEU B 150 -9.22 -9.03 8.51
CA LEU B 150 -10.13 -9.18 9.63
C LEU B 150 -9.42 -8.94 10.97
N LEU B 151 -8.19 -9.42 11.07
CA LEU B 151 -7.40 -9.22 12.29
C LEU B 151 -7.14 -7.75 12.51
N LYS B 152 -6.59 -7.07 11.50
CA LYS B 152 -6.19 -5.68 11.67
C LYS B 152 -7.42 -4.84 12.05
N ARG B 153 -8.51 -5.08 11.33
CA ARG B 153 -9.78 -4.43 11.63
C ARG B 153 -10.16 -4.56 13.11
N CYS B 154 -9.81 -5.68 13.73
CA CYS B 154 -10.11 -5.87 15.14
C CYS B 154 -8.96 -5.41 16.04
N ASN B 155 -7.89 -4.92 15.43
CA ASN B 155 -6.70 -4.53 16.17
C ASN B 155 -6.12 -5.71 16.95
N ILE B 156 -6.02 -6.86 16.28
CA ILE B 156 -5.40 -8.03 16.86
C ILE B 156 -4.15 -8.45 16.08
N LEU B 157 -3.14 -8.87 16.84
CA LEU B 157 -1.99 -9.58 16.29
C LEU B 157 -2.22 -11.05 16.62
N HIS B 158 -2.08 -11.91 15.63
CA HIS B 158 -2.21 -13.34 15.88
C HIS B 158 -0.89 -13.85 16.41
N ALA B 159 0.20 -13.37 15.83
CA ALA B 159 1.54 -13.57 16.39
C ALA B 159 2.01 -15.01 16.42
N ASP B 160 1.33 -15.92 15.71
CA ASP B 160 1.93 -17.24 15.48
C ASP B 160 1.42 -17.89 14.21
N ILE B 161 1.50 -17.17 13.10
CA ILE B 161 1.02 -17.67 11.83
C ILE B 161 2.07 -18.57 11.16
N LYS B 162 1.66 -19.80 10.86
CA LYS B 162 2.52 -20.76 10.19
C LYS B 162 1.61 -21.91 9.78
N PRO B 163 2.13 -22.88 9.01
CA PRO B 163 1.27 -23.97 8.52
C PRO B 163 0.55 -24.75 9.64
N ASP B 164 1.17 -24.84 10.81
CA ASP B 164 0.68 -25.70 11.87
C ASP B 164 -0.58 -25.11 12.48
N ASN B 165 -0.76 -23.81 12.32
CA ASN B 165 -1.90 -23.12 12.92
C ASN B 165 -2.90 -22.72 11.85
N ILE B 166 -2.79 -23.30 10.68
CA ILE B 166 -3.79 -23.05 9.65
C ILE B 166 -4.53 -24.35 9.33
N LEU B 167 -5.85 -24.34 9.49
CA LEU B 167 -6.64 -25.54 9.27
C LEU B 167 -7.44 -25.46 7.99
N VAL B 168 -7.84 -26.62 7.48
CA VAL B 168 -8.58 -26.66 6.24
C VAL B 168 -9.72 -27.68 6.30
N ASN B 169 -10.74 -27.48 5.49
CA ASN B 169 -11.89 -28.37 5.49
C ASN B 169 -11.52 -29.67 4.79
N GLU B 170 -12.44 -30.64 4.82
CA GLU B 170 -12.18 -31.95 4.24
C GLU B 170 -11.86 -31.87 2.75
N SER B 171 -12.51 -30.95 2.04
CA SER B 171 -12.29 -30.80 0.61
C SER B 171 -10.98 -30.05 0.34
N LYS B 172 -10.36 -29.54 1.41
CA LYS B 172 -9.13 -28.77 1.33
C LYS B 172 -9.23 -27.45 0.56
N THR B 173 -10.45 -26.99 0.32
CA THR B 173 -10.63 -25.75 -0.43
C THR B 173 -10.67 -24.51 0.44
N ILE B 174 -11.22 -24.65 1.64
CA ILE B 174 -11.31 -23.52 2.56
C ILE B 174 -10.29 -23.66 3.70
N LEU B 175 -9.49 -22.61 3.95
CA LEU B 175 -8.67 -22.61 5.16
C LEU B 175 -9.14 -21.65 6.25
N LYS B 176 -8.72 -21.94 7.47
CA LYS B 176 -9.07 -21.14 8.62
C LYS B 176 -7.83 -20.91 9.47
N LEU B 177 -7.67 -19.68 9.94
CA LEU B 177 -6.56 -19.36 10.81
C LEU B 177 -6.99 -19.67 12.23
N CYS B 178 -6.20 -20.48 12.93
CA CYS B 178 -6.62 -20.94 14.24
C CYS B 178 -5.51 -20.79 15.28
N ASP B 179 -5.80 -21.27 16.48
CA ASP B 179 -4.97 -21.10 17.67
C ASP B 179 -4.57 -19.68 18.01
N PHE B 180 -5.43 -19.00 18.76
CA PHE B 180 -5.19 -17.63 19.13
C PHE B 180 -4.71 -17.51 20.57
N GLY B 181 -3.93 -18.51 21.00
CA GLY B 181 -3.33 -18.47 22.32
C GLY B 181 -2.10 -17.59 22.48
N SER B 182 -1.59 -17.05 21.37
CA SER B 182 -0.45 -16.14 21.43
C SER B 182 -0.88 -14.73 21.09
N ALA B 183 -2.12 -14.59 20.64
CA ALA B 183 -2.62 -13.32 20.15
C ALA B 183 -2.56 -12.22 21.21
N SER B 184 -2.53 -10.97 20.76
CA SER B 184 -2.53 -9.82 21.65
C SER B 184 -3.16 -8.64 20.94
N HIS B 185 -3.58 -7.64 21.71
CA HIS B 185 -3.97 -6.37 21.11
C HIS B 185 -2.73 -5.60 20.71
N VAL B 186 -2.89 -4.72 19.72
CA VAL B 186 -1.76 -4.10 19.05
C VAL B 186 -1.00 -3.22 20.03
N ALA B 187 -1.70 -2.73 21.05
CA ALA B 187 -1.21 -1.67 21.92
C ALA B 187 -0.28 -2.15 23.02
N ASP B 188 -0.58 -3.32 23.58
CA ASP B 188 0.18 -3.82 24.72
C ASP B 188 1.54 -4.39 24.32
N ASN B 189 1.87 -4.30 23.04
CA ASN B 189 2.97 -5.08 22.46
C ASN B 189 4.23 -5.03 23.32
N ASP B 190 4.50 -6.13 24.02
CA ASP B 190 5.67 -6.23 24.88
C ASP B 190 6.95 -6.25 24.04
N ILE B 191 8.04 -5.81 24.65
CA ILE B 191 9.32 -5.84 23.98
C ILE B 191 10.06 -7.13 24.35
N THR B 192 9.72 -8.19 23.64
CA THR B 192 10.46 -9.46 23.74
C THR B 192 10.83 -9.92 22.34
N PRO B 193 12.11 -10.28 22.13
CA PRO B 193 12.61 -10.73 20.83
C PRO B 193 12.14 -12.13 20.46
N PTR B 194 11.30 -12.72 21.31
CA PTR B 194 10.91 -14.11 21.14
C PTR B 194 9.41 -14.27 20.84
O PTR B 194 8.82 -15.33 21.05
CB PTR B 194 11.30 -14.91 22.38
CG PTR B 194 12.78 -14.82 22.68
CD1 PTR B 194 13.72 -15.48 21.89
CD2 PTR B 194 13.25 -14.03 23.74
CE1 PTR B 194 15.07 -15.37 22.15
CE2 PTR B 194 14.62 -13.92 23.99
CZ PTR B 194 15.52 -14.58 23.19
OH PTR B 194 16.88 -14.50 23.47
P PTR B 194 17.98 -13.97 22.50
O1P PTR B 194 17.57 -14.32 21.11
O2P PTR B 194 17.88 -12.56 22.93
O3P PTR B 194 18.99 -14.84 23.16
N LEU B 195 8.82 -13.19 20.34
CA LEU B 195 7.43 -13.21 19.90
C LEU B 195 7.37 -13.88 18.53
N VAL B 196 6.31 -14.67 18.29
CA VAL B 196 6.17 -15.50 17.09
C VAL B 196 7.18 -16.65 17.10
N SER B 197 6.83 -17.78 16.47
CA SER B 197 7.79 -18.88 16.34
C SER B 197 8.95 -18.46 15.46
N ARG B 198 10.15 -18.95 15.80
CA ARG B 198 11.40 -18.42 15.27
C ARG B 198 11.41 -18.32 13.75
N PHE B 199 11.11 -19.42 13.08
CA PHE B 199 11.17 -19.46 11.63
C PHE B 199 10.25 -18.43 10.97
N TYR B 200 9.23 -18.00 11.69
CA TYR B 200 8.26 -17.07 11.13
C TYR B 200 8.32 -15.71 11.81
N ARG B 201 9.35 -15.54 12.63
CA ARG B 201 9.52 -14.33 13.43
C ARG B 201 10.15 -13.19 12.61
N ALA B 202 9.45 -12.06 12.53
CA ALA B 202 9.90 -10.95 11.71
C ALA B 202 11.12 -10.26 12.33
N PRO B 203 11.89 -9.54 11.51
CA PRO B 203 13.07 -8.79 11.97
C PRO B 203 12.81 -7.66 12.98
N GLU B 204 11.65 -7.02 12.93
CA GLU B 204 11.39 -5.95 13.88
C GLU B 204 11.15 -6.48 15.28
N ILE B 205 10.73 -7.72 15.39
CA ILE B 205 10.63 -8.37 16.70
C ILE B 205 12.05 -8.61 17.21
N ILE B 206 12.82 -9.37 16.44
CA ILE B 206 14.18 -9.74 16.84
C ILE B 206 14.99 -8.53 17.28
N ILE B 207 14.94 -7.46 16.49
CA ILE B 207 15.80 -6.31 16.72
C ILE B 207 15.29 -5.46 17.89
N GLY B 208 14.00 -5.53 18.18
CA GLY B 208 13.47 -4.80 19.33
C GLY B 208 12.76 -3.53 18.92
N LYS B 209 12.72 -3.28 17.62
CA LYS B 209 11.95 -2.17 17.06
C LYS B 209 10.45 -2.41 17.26
N SER B 210 9.69 -1.34 17.48
CA SER B 210 8.25 -1.48 17.71
C SER B 210 7.59 -2.06 16.46
N TYR B 211 6.50 -2.78 16.66
CA TYR B 211 5.95 -3.64 15.61
C TYR B 211 4.43 -3.65 15.69
N ASP B 212 3.79 -4.06 14.60
CA ASP B 212 2.34 -4.25 14.58
C ASP B 212 1.93 -5.33 13.59
N TYR B 213 0.85 -5.08 12.86
CA TYR B 213 0.24 -6.06 11.95
C TYR B 213 1.27 -6.67 11.01
N GLY B 214 2.27 -5.87 10.66
CA GLY B 214 3.32 -6.31 9.78
C GLY B 214 3.97 -7.64 10.13
N ILE B 215 4.08 -7.97 11.41
CA ILE B 215 4.63 -9.28 11.78
C ILE B 215 3.73 -10.41 11.25
N ASP B 216 2.42 -10.21 11.28
CA ASP B 216 1.52 -11.22 10.74
C ASP B 216 1.68 -11.33 9.23
N MET B 217 1.94 -10.20 8.59
CA MET B 217 2.19 -10.18 7.16
C MET B 217 3.47 -10.94 6.86
N TRP B 218 4.54 -10.61 7.59
CA TRP B 218 5.81 -11.32 7.43
C TRP B 218 5.60 -12.82 7.57
N SER B 219 4.89 -13.25 8.61
CA SER B 219 4.66 -14.70 8.82
C SER B 219 3.95 -15.35 7.61
N VAL B 220 2.87 -14.72 7.14
CA VAL B 220 2.16 -15.17 5.96
C VAL B 220 3.09 -15.36 4.77
N GLY B 221 3.98 -14.39 4.55
CA GLY B 221 4.96 -14.51 3.49
C GLY B 221 5.88 -15.69 3.71
N CYS B 222 6.22 -15.94 4.96
CA CYS B 222 7.04 -17.08 5.28
C CYS B 222 6.32 -18.36 4.96
N THR B 223 5.01 -18.41 5.20
CA THR B 223 4.36 -19.71 5.04
C THR B 223 3.93 -19.90 3.59
N LEU B 224 3.67 -18.82 2.87
CA LEU B 224 3.35 -18.93 1.45
C LEU B 224 4.50 -19.61 0.70
N TYR B 225 5.72 -19.16 0.97
CA TYR B 225 6.90 -19.79 0.38
C TYR B 225 6.94 -21.27 0.78
N GLU B 226 6.61 -21.55 2.03
CA GLU B 226 6.62 -22.92 2.50
C GLU B 226 5.51 -23.76 1.89
N LEU B 227 4.35 -23.16 1.68
CA LEU B 227 3.24 -23.85 1.03
C LEU B 227 3.61 -24.29 -0.39
N TYR B 228 4.30 -23.42 -1.11
CA TYR B 228 4.64 -23.75 -2.49
C TYR B 228 5.88 -24.64 -2.63
N THR B 229 6.91 -24.42 -1.81
CA THR B 229 8.12 -25.20 -1.95
C THR B 229 8.10 -26.46 -1.11
N GLY B 230 7.44 -26.41 0.03
CA GLY B 230 7.56 -27.49 1.00
C GLY B 230 8.72 -27.28 1.96
N LYS B 231 9.42 -26.16 1.82
CA LYS B 231 10.64 -25.89 2.61
C LYS B 231 10.40 -24.73 3.56
N ILE B 232 11.02 -24.78 4.74
CA ILE B 232 11.08 -23.60 5.61
C ILE B 232 11.96 -22.52 4.97
N LEU B 233 11.46 -21.30 4.89
CA LEU B 233 12.20 -20.21 4.25
C LEU B 233 13.43 -19.77 5.06
N PHE B 234 13.24 -19.56 6.37
CA PHE B 234 14.33 -19.09 7.22
C PHE B 234 14.60 -20.01 8.42
N PRO B 235 15.16 -21.20 8.18
CA PRO B 235 15.39 -22.16 9.26
C PRO B 235 16.50 -21.76 10.24
N GLY B 236 16.46 -20.52 10.72
CA GLY B 236 17.53 -20.02 11.55
C GLY B 236 17.55 -20.65 12.93
N LYS B 237 18.75 -20.97 13.40
CA LYS B 237 18.89 -21.71 14.65
C LYS B 237 18.81 -20.78 15.84
N THR B 238 18.96 -19.48 15.60
CA THR B 238 18.85 -18.48 16.65
C THR B 238 18.35 -17.17 16.04
N ASN B 239 18.12 -16.16 16.86
CA ASN B 239 17.72 -14.86 16.34
C ASN B 239 18.79 -14.27 15.43
N ASN B 240 20.06 -14.45 15.81
CA ASN B 240 21.16 -13.95 14.99
C ASN B 240 21.20 -14.66 13.65
N HIS B 241 20.94 -15.97 13.65
CA HIS B 241 20.93 -16.72 12.41
C HIS B 241 19.76 -16.29 11.53
N MET B 242 18.63 -15.97 12.17
CA MET B 242 17.45 -15.49 11.46
C MET B 242 17.74 -14.18 10.71
N LEU B 243 18.22 -13.17 11.43
CA LEU B 243 18.49 -11.88 10.83
C LEU B 243 19.45 -12.08 9.68
N LYS B 244 20.41 -12.98 9.87
CA LYS B 244 21.38 -13.28 8.83
C LYS B 244 20.68 -13.77 7.55
N LEU B 245 19.81 -14.78 7.70
CA LEU B 245 19.13 -15.34 6.54
C LEU B 245 18.20 -14.33 5.88
N ALA B 246 17.61 -13.45 6.67
CA ALA B 246 16.76 -12.41 6.11
C ALA B 246 17.62 -11.49 5.23
N MET B 247 18.80 -11.14 5.74
CA MET B 247 19.67 -10.22 5.02
C MET B 247 20.42 -10.92 3.90
N ASP B 248 20.30 -12.24 3.82
CA ASP B 248 20.76 -12.97 2.64
C ASP B 248 19.76 -12.82 1.49
N LEU B 249 18.64 -12.18 1.78
CA LEU B 249 17.58 -12.00 0.79
C LEU B 249 17.47 -10.54 0.37
N LYS B 250 17.38 -9.64 1.35
CA LYS B 250 17.17 -8.23 1.06
C LYS B 250 18.43 -7.40 1.30
N GLY B 251 19.58 -8.06 1.38
CA GLY B 251 20.79 -7.38 1.78
C GLY B 251 20.69 -6.94 3.23
N LYS B 252 21.56 -6.03 3.64
CA LYS B 252 21.60 -5.64 5.04
C LYS B 252 20.37 -4.85 5.46
N MET B 253 20.14 -4.80 6.77
CA MET B 253 18.99 -4.12 7.35
C MET B 253 19.21 -2.63 7.24
N PRO B 254 18.15 -1.87 6.91
CA PRO B 254 18.22 -0.41 6.80
C PRO B 254 18.73 0.22 8.09
N ASN B 255 19.46 1.33 7.95
CA ASN B 255 20.16 1.95 9.06
C ASN B 255 19.26 2.63 10.05
N LYS B 256 18.30 3.41 9.55
CA LYS B 256 17.31 4.05 10.41
C LYS B 256 16.59 2.99 11.21
N MET B 257 16.40 1.82 10.60
CA MET B 257 15.76 0.70 11.28
C MET B 257 16.70 0.14 12.35
N ILE B 258 17.88 -0.31 11.93
CA ILE B 258 18.86 -0.85 12.87
C ILE B 258 18.88 -0.03 14.14
N ARG B 259 18.77 1.29 13.98
CA ARG B 259 18.97 2.20 15.10
C ARG B 259 17.79 2.27 16.07
N LYS B 260 16.57 2.07 15.55
CA LYS B 260 15.38 2.14 16.37
C LYS B 260 15.18 0.90 17.23
N GLY B 261 16.08 -0.07 17.10
CA GLY B 261 15.90 -1.34 17.78
C GLY B 261 16.50 -1.40 19.17
N VAL B 262 15.65 -1.63 20.16
CA VAL B 262 16.09 -1.79 21.54
C VAL B 262 17.14 -2.88 21.74
N PHE B 263 17.28 -3.78 20.77
CA PHE B 263 18.30 -4.82 20.84
C PHE B 263 19.35 -4.69 19.75
N LYS B 264 19.37 -3.56 19.04
CA LYS B 264 20.32 -3.39 17.94
C LYS B 264 21.72 -3.81 18.36
N ASP B 265 22.07 -3.39 19.58
CA ASP B 265 23.30 -3.76 20.27
C ASP B 265 23.64 -5.26 20.17
N GLN B 266 22.68 -6.09 20.52
CA GLN B 266 22.89 -7.54 20.52
C GLN B 266 23.29 -8.05 19.14
N HIS B 267 23.09 -7.24 18.10
CA HIS B 267 23.28 -7.73 16.74
C HIS B 267 24.17 -6.87 15.83
N PHE B 268 24.36 -5.61 16.18
CA PHE B 268 25.18 -4.73 15.37
C PHE B 268 26.10 -3.89 16.23
N ASP B 269 27.24 -3.49 15.67
CA ASP B 269 28.15 -2.56 16.34
C ASP B 269 27.83 -1.14 15.91
N GLN B 270 28.44 -0.16 16.57
CA GLN B 270 28.09 1.24 16.36
C GLN B 270 28.45 1.74 14.96
N ASN B 271 29.23 0.95 14.24
CA ASN B 271 29.48 1.20 12.82
C ASN B 271 28.31 0.60 12.03
N LEU B 272 27.23 0.29 12.75
CA LEU B 272 26.06 -0.35 12.19
C LEU B 272 26.41 -1.56 11.35
N ASN B 273 27.47 -2.28 11.73
CA ASN B 273 27.81 -3.52 11.07
C ASN B 273 27.11 -4.70 11.74
N PHE B 274 26.75 -5.68 10.93
CA PHE B 274 26.11 -6.89 11.42
C PHE B 274 27.15 -7.87 11.95
N MET B 275 26.98 -8.25 13.21
CA MET B 275 27.86 -9.19 13.87
C MET B 275 27.25 -10.59 13.78
N TYR B 276 27.85 -11.45 12.96
CA TYR B 276 27.28 -12.78 12.67
C TYR B 276 27.99 -13.88 13.44
N ILE B 277 27.26 -14.55 14.32
CA ILE B 277 27.84 -15.61 15.13
C ILE B 277 28.03 -16.91 14.34
N GLU B 278 29.08 -17.66 14.65
CA GLU B 278 29.37 -18.87 13.90
C GLU B 278 29.83 -20.01 14.80
N VAL B 279 30.08 -21.16 14.17
CA VAL B 279 30.34 -22.44 14.83
C VAL B 279 30.31 -22.38 16.35
N ARG B 285 35.98 -23.45 17.52
CA ARG B 285 34.66 -23.56 18.12
C ARG B 285 33.80 -22.31 17.87
N GLU B 286 33.94 -21.31 18.73
CA GLU B 286 33.19 -20.07 18.60
C GLU B 286 33.83 -19.10 17.60
N LYS B 287 32.99 -18.38 16.87
CA LYS B 287 33.45 -17.37 15.90
C LYS B 287 32.44 -16.23 15.87
N VAL B 288 32.92 -15.02 15.55
CA VAL B 288 32.04 -13.85 15.48
C VAL B 288 32.47 -12.91 14.37
N THR B 289 32.17 -13.26 13.13
CA THR B 289 32.57 -12.42 12.00
C THR B 289 31.82 -11.07 12.05
N VAL B 290 32.33 -10.09 11.33
CA VAL B 290 31.68 -8.79 11.23
C VAL B 290 31.46 -8.46 9.76
N MET B 291 30.26 -7.97 9.44
CA MET B 291 29.90 -7.67 8.06
C MET B 291 29.39 -6.24 7.94
N SER B 292 29.88 -5.54 6.92
CA SER B 292 29.52 -4.15 6.72
C SER B 292 28.32 -4.11 5.77
N THR B 293 28.34 -5.04 4.82
CA THR B 293 27.19 -5.32 3.99
C THR B 293 27.12 -6.83 3.81
N ILE B 294 25.94 -7.35 3.49
CA ILE B 294 25.78 -8.80 3.31
C ILE B 294 25.72 -9.21 1.84
N ASN B 295 24.97 -8.43 1.06
CA ASN B 295 24.78 -8.71 -0.35
C ASN B 295 23.90 -9.93 -0.56
N PRO B 296 22.68 -9.70 -1.04
CA PRO B 296 21.72 -10.77 -1.29
C PRO B 296 22.33 -11.99 -1.95
N THR B 297 22.13 -13.14 -1.29
CA THR B 297 22.67 -14.42 -1.74
C THR B 297 21.53 -15.30 -2.19
N LYS B 298 20.33 -15.01 -1.67
CA LYS B 298 19.20 -15.92 -1.78
C LYS B 298 18.38 -15.68 -3.04
N ASP B 299 18.26 -16.73 -3.85
CA ASP B 299 17.45 -16.64 -5.06
C ASP B 299 16.07 -17.26 -4.84
N LEU B 300 15.12 -16.42 -4.46
CA LEU B 300 13.76 -16.87 -4.24
C LEU B 300 13.25 -17.61 -5.46
N LEU B 301 13.28 -16.93 -6.60
CA LEU B 301 12.65 -17.47 -7.80
C LEU B 301 13.26 -18.81 -8.13
N ALA B 302 14.56 -18.96 -7.86
CA ALA B 302 15.20 -20.26 -8.03
C ALA B 302 14.47 -21.28 -7.16
N ASP B 303 14.48 -21.06 -5.85
CA ASP B 303 13.89 -21.99 -4.90
C ASP B 303 12.44 -22.30 -5.26
N LEU B 304 11.71 -21.29 -5.71
CA LEU B 304 10.32 -21.46 -6.09
C LEU B 304 10.18 -22.33 -7.35
N ILE B 305 11.30 -22.85 -7.83
CA ILE B 305 11.26 -23.86 -8.88
C ILE B 305 12.37 -24.86 -8.67
N GLY B 306 12.06 -26.14 -8.89
CA GLY B 306 13.11 -27.13 -8.96
C GLY B 306 13.27 -27.57 -10.40
N CYS B 307 12.16 -28.06 -10.97
CA CYS B 307 12.18 -28.64 -12.31
C CYS B 307 10.82 -28.46 -13.00
N ASP B 313 2.65 -20.42 -18.63
CA ASP B 313 1.51 -19.88 -17.91
C ASP B 313 1.52 -20.36 -16.45
N GLN B 314 2.00 -21.59 -16.24
CA GLN B 314 2.25 -22.07 -14.90
C GLN B 314 3.46 -21.32 -14.34
N ARG B 315 4.53 -21.26 -15.13
CA ARG B 315 5.71 -20.48 -14.74
C ARG B 315 5.30 -19.03 -14.52
N LYS B 316 4.34 -18.57 -15.31
CA LYS B 316 3.79 -17.22 -15.16
C LYS B 316 3.55 -16.88 -13.70
N LYS B 317 2.71 -17.69 -13.06
CA LYS B 317 2.24 -17.41 -11.71
C LYS B 317 3.36 -17.54 -10.69
N VAL B 318 4.29 -18.46 -10.93
CA VAL B 318 5.40 -18.67 -10.02
C VAL B 318 6.23 -17.40 -9.99
N HIS B 319 6.35 -16.75 -11.14
CA HIS B 319 7.04 -15.47 -11.20
C HIS B 319 6.31 -14.46 -10.32
N GLN B 320 5.00 -14.32 -10.54
CA GLN B 320 4.18 -13.42 -9.76
C GLN B 320 4.31 -13.66 -8.26
N LEU B 321 4.37 -14.94 -7.88
CA LEU B 321 4.43 -15.30 -6.47
C LEU B 321 5.75 -14.79 -5.89
N LYS B 322 6.83 -15.02 -6.63
CA LYS B 322 8.15 -14.57 -6.22
C LYS B 322 8.10 -13.06 -6.00
N ASP B 323 7.56 -12.35 -6.98
CA ASP B 323 7.45 -10.91 -6.86
C ASP B 323 6.61 -10.53 -5.65
N LEU B 324 5.52 -11.26 -5.43
CA LEU B 324 4.69 -11.06 -4.26
C LEU B 324 5.48 -11.29 -2.96
N LEU B 325 6.28 -12.35 -2.93
CA LEU B 325 7.10 -12.64 -1.75
C LEU B 325 8.12 -11.52 -1.56
N ASP B 326 8.58 -10.94 -2.67
CA ASP B 326 9.56 -9.88 -2.58
C ASP B 326 8.98 -8.65 -1.93
N GLN B 327 7.70 -8.41 -2.18
CA GLN B 327 7.09 -7.18 -1.70
C GLN B 327 6.62 -7.26 -0.25
N ILE B 328 6.44 -8.48 0.24
CA ILE B 328 5.98 -8.64 1.60
C ILE B 328 7.13 -8.96 2.55
N LEU B 329 8.18 -9.59 2.05
CA LEU B 329 9.38 -9.81 2.84
C LEU B 329 10.35 -8.64 2.69
N MET B 330 9.91 -7.45 3.07
CA MET B 330 10.81 -6.31 3.19
C MET B 330 11.17 -6.16 4.67
N LEU B 331 12.44 -5.91 4.97
CA LEU B 331 12.89 -5.87 6.36
C LEU B 331 12.24 -4.74 7.16
N ASP B 332 12.18 -3.55 6.58
CA ASP B 332 11.48 -2.44 7.23
C ASP B 332 9.99 -2.65 7.11
N PRO B 333 9.30 -2.83 8.24
CA PRO B 333 7.85 -3.05 8.19
C PRO B 333 7.11 -2.01 7.32
N ALA B 334 7.58 -0.77 7.38
CA ALA B 334 6.87 0.32 6.72
C ALA B 334 6.91 0.27 5.21
N LYS B 335 7.80 -0.54 4.64
CA LYS B 335 7.86 -0.69 3.18
C LYS B 335 7.12 -1.95 2.75
N ARG B 336 6.59 -2.68 3.71
CA ARG B 336 5.93 -3.95 3.45
C ARG B 336 4.58 -3.71 2.78
N ILE B 337 4.22 -4.58 1.85
CA ILE B 337 2.97 -4.43 1.12
C ILE B 337 1.80 -4.37 2.11
N SER B 338 0.82 -3.53 1.81
CA SER B 338 -0.40 -3.46 2.61
C SER B 338 -1.27 -4.68 2.30
N ILE B 339 -2.26 -4.90 3.16
CA ILE B 339 -3.15 -6.03 3.01
C ILE B 339 -3.94 -5.91 1.70
N ASN B 340 -4.51 -4.72 1.47
CA ASN B 340 -5.39 -4.53 0.31
C ASN B 340 -4.59 -4.60 -0.98
N GLN B 341 -3.34 -4.17 -0.93
CA GLN B 341 -2.48 -4.26 -2.10
C GLN B 341 -2.03 -5.70 -2.34
N ALA B 342 -1.82 -6.44 -1.25
CA ALA B 342 -1.59 -7.88 -1.35
C ALA B 342 -2.79 -8.53 -2.01
N LEU B 343 -3.97 -8.25 -1.46
CA LEU B 343 -5.22 -8.78 -1.99
C LEU B 343 -5.38 -8.40 -3.46
N GLN B 344 -4.86 -7.24 -3.82
CA GLN B 344 -5.02 -6.72 -5.17
C GLN B 344 -3.89 -7.15 -6.10
N HIS B 345 -2.83 -7.71 -5.54
CA HIS B 345 -1.63 -8.09 -6.29
C HIS B 345 -1.92 -8.99 -7.50
N ALA B 346 -0.97 -9.04 -8.43
CA ALA B 346 -1.17 -9.76 -9.68
C ALA B 346 -1.27 -11.28 -9.47
N PHE B 347 -0.55 -11.78 -8.47
CA PHE B 347 -0.59 -13.20 -8.13
C PHE B 347 -1.99 -13.66 -7.75
N ILE B 348 -2.70 -12.82 -6.99
CA ILE B 348 -4.06 -13.13 -6.55
C ILE B 348 -5.02 -12.99 -7.70
N GLN B 349 -4.96 -11.86 -8.39
CA GLN B 349 -5.91 -11.55 -9.44
C GLN B 349 -5.87 -12.50 -10.63
N GLU B 350 -4.85 -13.38 -10.66
CA GLU B 350 -4.75 -14.41 -11.68
C GLU B 350 -4.35 -13.80 -13.03
S SO4 C . 0.43 2.16 4.09
O1 SO4 C . 0.64 1.49 5.38
O2 SO4 C . -0.65 1.49 3.35
O3 SO4 C . 0.07 3.57 4.31
O4 SO4 C . 1.67 2.10 3.28
S SO4 D . 12.97 11.80 5.76
O1 SO4 D . 13.95 11.53 6.81
O2 SO4 D . 13.16 10.82 4.67
O3 SO4 D . 11.60 11.66 6.30
O4 SO4 D . 13.19 13.17 5.24
S SO4 E . -14.49 23.47 -15.19
O1 SO4 E . -15.17 22.29 -14.62
O2 SO4 E . -13.94 23.12 -16.51
O3 SO4 E . -15.46 24.57 -15.33
O4 SO4 E . -13.40 23.88 -14.30
S SO4 F . 15.95 39.56 1.85
O1 SO4 F . 15.88 39.15 3.26
O2 SO4 F . 14.85 40.50 1.55
O3 SO4 F . 17.24 40.23 1.59
O4 SO4 F . 15.83 38.36 0.98
S SO4 G . -3.41 0.87 0.50
O1 SO4 G . -2.84 0.37 1.77
O2 SO4 G . -4.08 -0.23 -0.21
O3 SO4 G . -4.39 1.94 0.77
O4 SO4 G . -2.33 1.41 -0.36
S SO4 H . 13.36 -19.23 20.21
O1 SO4 H . 14.34 -19.67 21.22
O2 SO4 H . 13.22 -20.28 19.18
O3 SO4 H . 12.06 -18.98 20.85
O4 SO4 H . 13.83 -18.00 19.56
#